data_1JC5
#
_entry.id   1JC5
#
_cell.length_a   55.985
_cell.length_b   114.020
_cell.length_c   156.418
_cell.angle_alpha   90.00
_cell.angle_beta   90.00
_cell.angle_gamma   90.00
#
_symmetry.space_group_name_H-M   'P 21 21 21'
#
loop_
_entity.id
_entity.type
_entity.pdbx_description
1 polymer 'Methylmalonyl-CoA Epimerase'
2 non-polymer 'SULFATE ION'
3 water water
#
_entity_poly.entity_id   1
_entity_poly.type   'polypeptide(L)'
_entity_poly.pdbx_seq_one_letter_code
;MSNEDLFICIDHVAYACPDADEASKYYQETFGWHELHREENPEQGVVEIMMAPAAKLTEHMTQVQVMAPLNDESTVAKWL
AKHNGRAGLHHMAWRVDDIDAVSATLRERGVQLLYDEPKLGTGGNRINFMHPKSGKGVLIELTQYPKN
;
_entity_poly.pdbx_strand_id   A,B,C,D,E,F
#
loop_
_chem_comp.id
_chem_comp.type
_chem_comp.name
_chem_comp.formula
SO4 non-polymer 'SULFATE ION' 'O4 S -2'
#
# COMPACT_ATOMS: atom_id res chain seq x y z
N ASN A 3 43.94 1.59 10.49
CA ASN A 3 42.74 1.23 9.69
C ASN A 3 41.44 1.77 10.33
N GLU A 4 40.43 1.98 9.49
CA GLU A 4 39.13 2.51 9.92
C GLU A 4 38.31 2.75 8.66
N ASP A 5 36.99 2.78 8.78
CA ASP A 5 36.13 3.01 7.62
C ASP A 5 35.95 4.48 7.30
N LEU A 6 36.37 4.85 6.09
CA LEU A 6 36.26 6.23 5.64
C LEU A 6 34.98 6.47 4.86
N PHE A 7 34.14 5.45 4.73
CA PHE A 7 32.90 5.59 3.97
C PHE A 7 31.68 4.90 4.57
N ILE A 8 30.59 5.65 4.67
CA ILE A 8 29.34 5.18 5.23
C ILE A 8 28.56 4.29 4.25
N CYS A 9 28.57 4.66 2.97
CA CYS A 9 27.84 3.93 1.94
C CYS A 9 27.96 4.67 0.63
N ILE A 10 27.47 4.08 -0.45
CA ILE A 10 27.50 4.79 -1.73
C ILE A 10 26.34 5.76 -1.56
N ASP A 11 26.62 7.05 -1.65
CA ASP A 11 25.56 8.03 -1.47
C ASP A 11 24.59 8.02 -2.65
N HIS A 12 25.14 8.10 -3.85
CA HIS A 12 24.33 8.07 -5.06
C HIS A 12 25.13 7.70 -6.29
N VAL A 13 24.42 7.25 -7.33
CA VAL A 13 25.03 6.91 -8.60
C VAL A 13 24.48 7.94 -9.58
N ALA A 14 25.37 8.75 -10.13
CA ALA A 14 24.98 9.80 -11.06
C ALA A 14 24.82 9.29 -12.48
N TYR A 15 23.66 9.59 -13.06
CA TYR A 15 23.32 9.19 -14.40
C TYR A 15 23.15 10.46 -15.23
N ALA A 16 23.96 10.59 -16.27
CA ALA A 16 23.90 11.75 -17.14
C ALA A 16 23.06 11.45 -18.37
N CYS A 17 22.22 12.41 -18.74
CA CYS A 17 21.33 12.26 -19.89
C CYS A 17 20.99 13.63 -20.44
N PRO A 18 20.47 13.70 -21.67
CA PRO A 18 20.14 15.02 -22.21
C PRO A 18 18.91 15.70 -21.60
N ASP A 19 18.01 14.93 -20.99
CA ASP A 19 16.80 15.49 -20.40
C ASP A 19 16.46 14.83 -19.08
N ALA A 20 16.66 15.56 -17.99
CA ALA A 20 16.39 15.03 -16.65
C ALA A 20 14.91 14.77 -16.39
N ASP A 21 14.05 15.63 -16.91
CA ASP A 21 12.61 15.48 -16.73
C ASP A 21 12.13 14.18 -17.33
N GLU A 22 12.52 13.93 -18.58
CA GLU A 22 12.13 12.72 -19.28
C GLU A 22 12.58 11.46 -18.52
N ALA A 23 13.82 11.46 -18.03
CA ALA A 23 14.34 10.30 -17.32
C ALA A 23 13.61 10.09 -16.00
N SER A 24 13.37 11.18 -15.28
CA SER A 24 12.67 11.08 -14.01
C SER A 24 11.25 10.53 -14.20
N LYS A 25 10.56 10.98 -15.24
CA LYS A 25 9.20 10.51 -15.49
C LYS A 25 9.21 9.05 -15.93
N TYR A 26 10.29 8.62 -16.56
CA TYR A 26 10.42 7.24 -17.01
C TYR A 26 10.66 6.40 -15.76
N TYR A 27 11.54 6.88 -14.89
CA TYR A 27 11.86 6.16 -13.66
C TYR A 27 10.62 5.97 -12.79
N GLN A 28 9.75 6.98 -12.78
CA GLN A 28 8.53 6.94 -12.00
C GLN A 28 7.44 6.10 -12.66
N GLU A 29 7.14 6.40 -13.91
CA GLU A 29 6.10 5.70 -14.64
C GLU A 29 6.39 4.22 -14.89
N THR A 30 7.57 3.93 -15.41
CA THR A 30 7.97 2.57 -15.72
C THR A 30 8.54 1.77 -14.55
N PHE A 31 9.48 2.35 -13.80
CA PHE A 31 10.08 1.64 -12.68
C PHE A 31 9.40 1.86 -11.33
N GLY A 32 8.57 2.89 -11.23
CA GLY A 32 7.90 3.16 -9.97
C GLY A 32 8.88 3.71 -8.94
N TRP A 33 9.95 4.35 -9.39
CA TRP A 33 10.89 4.95 -8.46
C TRP A 33 10.30 6.28 -7.97
N HIS A 34 10.87 6.82 -6.90
CA HIS A 34 10.35 8.06 -6.34
C HIS A 34 11.28 9.25 -6.47
N GLU A 35 10.75 10.39 -6.96
CA GLU A 35 11.54 11.59 -7.11
C GLU A 35 11.56 12.32 -5.78
N LEU A 36 12.73 12.45 -5.16
CA LEU A 36 12.80 13.10 -3.85
C LEU A 36 13.22 14.56 -3.82
N HIS A 37 13.86 15.03 -4.90
CA HIS A 37 14.37 16.40 -4.92
C HIS A 37 14.79 16.78 -6.34
N ARG A 38 14.57 18.04 -6.69
CA ARG A 38 14.96 18.52 -8.02
C ARG A 38 15.67 19.86 -7.82
N GLU A 39 16.79 20.03 -8.51
CA GLU A 39 17.57 21.26 -8.40
C GLU A 39 18.11 21.74 -9.73
N GLU A 40 18.10 23.05 -9.91
CA GLU A 40 18.60 23.65 -11.14
C GLU A 40 19.64 24.71 -10.77
N ASN A 41 20.85 24.54 -11.32
CA ASN A 41 21.96 25.44 -11.06
C ASN A 41 22.44 26.10 -12.35
N PRO A 42 21.83 27.23 -12.73
CA PRO A 42 22.19 27.96 -13.96
C PRO A 42 23.70 28.11 -14.15
N GLU A 43 24.39 28.50 -13.08
CA GLU A 43 25.83 28.69 -13.13
C GLU A 43 26.56 27.44 -13.62
N GLN A 44 26.29 26.29 -13.01
CA GLN A 44 26.93 25.04 -13.43
C GLN A 44 26.32 24.57 -14.74
N GLY A 45 25.19 25.17 -15.10
CA GLY A 45 24.51 24.77 -16.32
C GLY A 45 23.99 23.35 -16.20
N VAL A 46 23.69 22.94 -14.97
CA VAL A 46 23.20 21.59 -14.73
C VAL A 46 21.90 21.51 -13.92
N VAL A 47 21.03 20.61 -14.31
CA VAL A 47 19.78 20.35 -13.60
C VAL A 47 19.94 18.95 -13.01
N GLU A 48 19.64 18.80 -11.73
CA GLU A 48 19.81 17.51 -11.07
C GLU A 48 18.54 17.05 -10.37
N ILE A 49 18.26 15.76 -10.48
CA ILE A 49 17.09 15.17 -9.82
C ILE A 49 17.48 13.92 -9.03
N MET A 50 17.05 13.86 -7.77
CA MET A 50 17.37 12.71 -6.93
C MET A 50 16.22 11.69 -6.91
N MET A 51 16.53 10.44 -7.26
CA MET A 51 15.54 9.36 -7.31
C MET A 51 15.91 8.23 -6.36
N ALA A 52 14.90 7.57 -5.81
CA ALA A 52 15.12 6.45 -4.88
C ALA A 52 14.12 5.35 -5.14
N PRO A 53 14.47 4.11 -4.80
CA PRO A 53 13.58 2.97 -5.01
C PRO A 53 12.40 2.97 -4.02
N ALA A 54 12.50 3.81 -2.99
CA ALA A 54 11.44 3.92 -1.99
C ALA A 54 11.13 5.40 -1.79
N ALA A 55 9.93 5.69 -1.28
CA ALA A 55 9.52 7.07 -1.04
C ALA A 55 10.32 7.64 0.12
N LYS A 56 10.71 6.76 1.04
CA LYS A 56 11.48 7.17 2.21
C LYS A 56 12.82 6.47 2.26
N LEU A 57 13.88 7.27 2.26
CA LEU A 57 15.24 6.71 2.30
C LEU A 57 15.53 6.04 3.65
N THR A 58 16.34 4.98 3.61
CA THR A 58 16.77 4.32 4.84
C THR A 58 18.18 4.87 5.02
N GLU A 59 18.78 4.67 6.19
CA GLU A 59 20.11 5.22 6.44
C GLU A 59 21.15 5.08 5.34
N HIS A 60 21.35 3.85 4.86
CA HIS A 60 22.37 3.65 3.83
C HIS A 60 21.80 3.49 2.43
N MET A 61 20.54 3.86 2.26
CA MET A 61 19.93 3.70 0.94
C MET A 61 20.58 4.62 -0.08
N THR A 62 21.14 3.99 -1.11
CA THR A 62 21.79 4.68 -2.21
C THR A 62 20.70 5.16 -3.17
N GLN A 63 20.83 6.39 -3.66
CA GLN A 63 19.88 6.97 -4.60
C GLN A 63 20.51 7.11 -5.97
N VAL A 64 19.70 7.43 -6.96
CA VAL A 64 20.19 7.64 -8.31
C VAL A 64 20.05 9.12 -8.59
N GLN A 65 21.10 9.74 -9.10
CA GLN A 65 21.05 11.16 -9.41
C GLN A 65 21.06 11.37 -10.92
N VAL A 66 19.95 11.93 -11.43
CA VAL A 66 19.81 12.19 -12.84
C VAL A 66 20.37 13.58 -13.11
N MET A 67 21.30 13.68 -14.06
CA MET A 67 21.93 14.96 -14.41
C MET A 67 21.71 15.26 -15.88
N ALA A 68 21.38 16.51 -16.18
CA ALA A 68 21.16 16.94 -17.56
C ALA A 68 21.66 18.36 -17.69
N PRO A 69 22.16 18.72 -18.88
CA PRO A 69 22.70 20.06 -19.17
C PRO A 69 21.64 21.14 -19.37
N LEU A 70 21.98 22.36 -18.99
CA LEU A 70 21.09 23.51 -19.16
C LEU A 70 21.65 24.33 -20.31
N ASN A 71 22.88 24.02 -20.71
CA ASN A 71 23.55 24.71 -21.81
C ASN A 71 24.73 23.88 -22.30
N ASP A 72 25.07 24.00 -23.57
CA ASP A 72 26.16 23.25 -24.17
C ASP A 72 27.55 23.59 -23.67
N GLU A 73 27.62 24.43 -22.63
CA GLU A 73 28.91 24.82 -22.08
C GLU A 73 29.15 24.03 -20.80
N SER A 74 28.07 23.52 -20.23
CA SER A 74 28.13 22.75 -19.00
C SER A 74 29.01 21.52 -19.15
N THR A 75 29.57 21.07 -18.03
CA THR A 75 30.42 19.90 -17.99
C THR A 75 29.66 18.69 -18.53
N VAL A 76 28.43 18.53 -18.05
CA VAL A 76 27.57 17.43 -18.43
C VAL A 76 27.32 17.33 -19.93
N ALA A 77 27.11 18.48 -20.58
CA ALA A 77 26.85 18.50 -22.02
C ALA A 77 28.03 17.95 -22.82
N LYS A 78 29.24 18.35 -22.44
CA LYS A 78 30.42 17.89 -23.15
C LYS A 78 30.72 16.43 -22.84
N TRP A 79 30.29 15.97 -21.67
CA TRP A 79 30.49 14.57 -21.33
C TRP A 79 29.55 13.78 -22.25
N LEU A 80 28.30 14.23 -22.33
CA LEU A 80 27.31 13.55 -23.17
C LEU A 80 27.74 13.55 -24.63
N ALA A 81 28.35 14.64 -25.07
CA ALA A 81 28.83 14.75 -26.43
C ALA A 81 29.91 13.70 -26.70
N LYS A 82 30.82 13.55 -25.75
CA LYS A 82 31.91 12.59 -25.88
C LYS A 82 31.50 11.15 -25.63
N HIS A 83 30.21 10.91 -25.47
CA HIS A 83 29.72 9.56 -25.22
C HIS A 83 28.47 9.24 -26.05
N ASN A 84 28.56 9.50 -27.35
CA ASN A 84 27.44 9.22 -28.25
C ASN A 84 26.19 10.02 -27.91
N GLY A 85 26.34 11.09 -27.14
CA GLY A 85 25.20 11.89 -26.77
C GLY A 85 24.13 11.03 -26.12
N ARG A 86 24.53 9.84 -25.68
CA ARG A 86 23.61 8.90 -25.04
C ARG A 86 23.76 8.93 -23.52
N ALA A 87 22.64 8.74 -22.83
CA ALA A 87 22.66 8.74 -21.38
C ALA A 87 23.57 7.61 -20.90
N GLY A 88 24.19 7.80 -19.73
CA GLY A 88 25.07 6.78 -19.20
C GLY A 88 25.48 7.04 -17.76
N LEU A 89 25.94 5.99 -17.07
CA LEU A 89 26.37 6.16 -15.69
C LEU A 89 27.55 7.13 -15.71
N HIS A 90 27.46 8.19 -14.92
CA HIS A 90 28.51 9.21 -14.90
C HIS A 90 29.54 9.02 -13.79
N HIS A 91 29.08 8.82 -12.57
CA HIS A 91 30.01 8.60 -11.47
C HIS A 91 29.35 8.09 -10.19
N MET A 92 30.18 7.67 -9.25
CA MET A 92 29.71 7.19 -7.95
C MET A 92 30.11 8.22 -6.93
N ALA A 93 29.23 8.48 -5.97
CA ALA A 93 29.54 9.40 -4.91
C ALA A 93 29.45 8.58 -3.65
N TRP A 94 30.45 8.70 -2.79
CA TRP A 94 30.45 7.96 -1.54
C TRP A 94 30.28 8.94 -0.39
N ARG A 95 29.39 8.60 0.55
CA ARG A 95 29.10 9.47 1.68
C ARG A 95 30.11 9.38 2.82
N VAL A 96 30.55 10.53 3.32
CA VAL A 96 31.50 10.58 4.43
C VAL A 96 30.92 11.37 5.60
N ASP A 97 31.36 11.02 6.80
CA ASP A 97 30.89 11.70 8.00
C ASP A 97 31.68 12.98 8.25
N ASP A 98 32.90 13.03 7.74
CA ASP A 98 33.75 14.20 7.91
C ASP A 98 34.68 14.27 6.71
N ILE A 99 34.28 15.02 5.70
CA ILE A 99 35.08 15.14 4.49
C ILE A 99 36.48 15.67 4.73
N ASP A 100 36.64 16.58 5.68
CA ASP A 100 37.99 17.10 5.93
C ASP A 100 38.82 15.96 6.51
N ALA A 101 38.39 15.45 7.66
CA ALA A 101 39.09 14.34 8.30
C ALA A 101 39.44 13.24 7.30
N VAL A 102 38.45 12.78 6.54
CA VAL A 102 38.67 11.72 5.55
C VAL A 102 39.56 12.15 4.39
N SER A 103 39.57 13.44 4.09
CA SER A 103 40.41 13.94 3.00
C SER A 103 41.87 13.91 3.51
N ALA A 104 42.02 14.07 4.82
CA ALA A 104 43.34 14.04 5.44
C ALA A 104 43.87 12.62 5.34
N THR A 105 43.04 11.66 5.74
CA THR A 105 43.40 10.25 5.66
C THR A 105 43.71 9.84 4.23
N LEU A 106 42.83 10.21 3.30
CA LEU A 106 43.02 9.86 1.90
C LEU A 106 44.32 10.45 1.38
N ARG A 107 44.55 11.72 1.68
CA ARG A 107 45.76 12.41 1.25
C ARG A 107 47.00 11.70 1.79
N GLU A 108 46.96 11.37 3.08
CA GLU A 108 48.06 10.68 3.75
C GLU A 108 48.37 9.35 3.06
N ARG A 109 47.37 8.76 2.43
CA ARG A 109 47.54 7.49 1.73
C ARG A 109 47.85 7.71 0.26
N GLY A 110 48.29 8.92 -0.08
CA GLY A 110 48.63 9.23 -1.45
C GLY A 110 47.46 9.37 -2.42
N VAL A 111 46.28 9.72 -1.91
CA VAL A 111 45.10 9.89 -2.77
C VAL A 111 45.09 11.29 -3.36
N GLN A 112 44.81 11.40 -4.65
CA GLN A 112 44.77 12.70 -5.33
C GLN A 112 43.34 13.18 -5.61
N LEU A 113 43.00 14.36 -5.05
CA LEU A 113 41.66 14.95 -5.23
C LEU A 113 41.62 16.01 -6.33
N LEU A 114 40.43 16.54 -6.60
CA LEU A 114 40.24 17.53 -7.66
C LEU A 114 40.32 18.97 -7.15
N TYR A 115 39.72 19.23 -6.01
CA TYR A 115 39.72 20.56 -5.42
C TYR A 115 40.67 20.62 -4.24
N ASP A 116 41.28 21.78 -4.04
CA ASP A 116 42.19 21.96 -2.92
C ASP A 116 41.35 21.91 -1.66
N GLU A 117 40.13 22.40 -1.80
CA GLU A 117 39.19 22.46 -0.68
C GLU A 117 37.83 21.92 -1.09
N PRO A 118 37.10 21.33 -0.14
CA PRO A 118 35.77 20.81 -0.45
C PRO A 118 34.90 21.95 -0.99
N LYS A 119 33.99 21.64 -1.91
CA LYS A 119 33.12 22.65 -2.48
C LYS A 119 31.68 22.31 -2.12
N LEU A 120 30.82 23.32 -2.06
CA LEU A 120 29.42 23.09 -1.74
C LEU A 120 28.72 22.50 -2.96
N GLY A 121 27.79 21.59 -2.71
CA GLY A 121 27.05 20.96 -3.78
C GLY A 121 25.57 20.93 -3.45
N THR A 122 24.89 19.84 -3.79
CA THR A 122 23.47 19.68 -3.51
C THR A 122 23.21 19.79 -2.00
N GLY A 123 22.16 20.51 -1.63
CA GLY A 123 21.89 20.68 -0.21
C GLY A 123 23.12 21.40 0.32
N GLY A 124 23.39 21.32 1.61
CA GLY A 124 24.57 21.97 2.10
C GLY A 124 25.80 21.09 1.99
N ASN A 125 25.69 20.02 1.19
CA ASN A 125 26.78 19.06 1.03
C ASN A 125 28.12 19.70 0.69
N ARG A 126 29.16 19.20 1.34
CA ARG A 126 30.52 19.63 1.09
C ARG A 126 31.07 18.48 0.26
N ILE A 127 31.44 18.76 -0.99
CA ILE A 127 31.93 17.71 -1.86
C ILE A 127 33.33 17.92 -2.40
N ASN A 128 33.83 16.88 -3.06
CA ASN A 128 35.13 16.87 -3.70
C ASN A 128 35.14 15.61 -4.53
N PHE A 129 36.08 15.49 -5.47
CA PHE A 129 36.16 14.32 -6.32
C PHE A 129 37.52 13.63 -6.27
N MET A 130 37.74 12.80 -7.28
CA MET A 130 38.99 12.05 -7.46
C MET A 130 39.29 12.14 -8.95
N HIS A 131 40.57 12.07 -9.30
CA HIS A 131 40.95 12.11 -10.71
C HIS A 131 40.45 10.83 -11.38
N PRO A 132 39.94 10.94 -12.62
CA PRO A 132 39.44 9.75 -13.34
C PRO A 132 40.47 8.64 -13.41
N LYS A 133 41.74 9.00 -13.26
CA LYS A 133 42.83 8.03 -13.29
C LYS A 133 42.94 7.43 -11.87
N SER A 134 42.82 8.29 -10.87
CA SER A 134 42.89 7.86 -9.47
C SER A 134 41.69 6.98 -9.15
N GLY A 135 40.79 6.86 -10.14
CA GLY A 135 39.60 6.03 -9.98
C GLY A 135 39.61 4.91 -11.01
N LYS A 136 40.81 4.56 -11.47
CA LYS A 136 41.02 3.50 -12.44
C LYS A 136 39.99 3.51 -13.58
N GLY A 137 39.74 4.69 -14.12
CA GLY A 137 38.78 4.82 -15.22
C GLY A 137 37.46 5.40 -14.75
N VAL A 138 37.16 5.26 -13.45
CA VAL A 138 35.91 5.77 -12.91
C VAL A 138 36.09 7.04 -12.07
N LEU A 139 35.18 7.99 -12.28
CA LEU A 139 35.22 9.25 -11.54
C LEU A 139 34.47 9.03 -10.21
N ILE A 140 35.11 9.26 -9.07
CA ILE A 140 34.45 9.06 -7.79
C ILE A 140 34.34 10.33 -6.93
N GLU A 141 33.12 10.67 -6.54
CA GLU A 141 32.90 11.86 -5.72
C GLU A 141 32.83 11.53 -4.24
N LEU A 142 33.35 12.43 -3.41
CA LEU A 142 33.30 12.30 -1.95
C LEU A 142 32.20 13.28 -1.55
N THR A 143 31.33 12.92 -0.61
CA THR A 143 30.27 13.87 -0.24
C THR A 143 29.83 13.76 1.19
N GLN A 144 29.84 14.89 1.89
CA GLN A 144 29.46 14.97 3.29
C GLN A 144 28.21 15.80 3.49
N TYR A 145 27.22 15.22 4.16
CA TYR A 145 25.99 15.94 4.45
C TYR A 145 26.35 17.11 5.36
N PRO A 146 25.65 18.24 5.20
CA PRO A 146 25.87 19.47 5.97
C PRO A 146 25.91 19.32 7.48
N LYS A 147 26.80 20.08 8.10
CA LYS A 147 26.94 20.07 9.55
C LYS A 147 27.59 18.77 9.99
N MET B 1 -5.39 -3.20 -4.26
CA MET B 1 -4.36 -3.45 -5.30
C MET B 1 -3.49 -2.22 -5.60
N SER B 2 -3.11 -1.49 -4.56
CA SER B 2 -2.26 -0.31 -4.76
C SER B 2 -0.90 -0.80 -5.26
N ASN B 3 -0.30 -0.09 -6.20
CA ASN B 3 1.01 -0.50 -6.71
C ASN B 3 2.04 -0.45 -5.58
N GLU B 4 2.93 -1.44 -5.55
CA GLU B 4 3.97 -1.48 -4.53
C GLU B 4 5.33 -1.36 -5.18
N ASP B 5 6.30 -0.83 -4.43
CA ASP B 5 7.65 -0.67 -4.94
C ASP B 5 8.12 -2.01 -5.52
N LEU B 6 8.73 -1.97 -6.69
CA LEU B 6 9.23 -3.20 -7.30
C LEU B 6 10.66 -3.48 -6.85
N PHE B 7 11.37 -2.41 -6.46
CA PHE B 7 12.77 -2.51 -6.07
C PHE B 7 13.07 -2.24 -4.62
N ILE B 8 13.94 -3.05 -4.04
CA ILE B 8 14.32 -2.94 -2.63
C ILE B 8 15.40 -1.91 -2.44
N CYS B 9 16.39 -1.95 -3.32
CA CYS B 9 17.50 -1.03 -3.29
C CYS B 9 18.40 -1.39 -4.45
N ILE B 10 19.44 -0.59 -4.67
CA ILE B 10 20.40 -0.89 -5.72
C ILE B 10 21.26 -1.95 -5.06
N ASP B 11 21.22 -3.17 -5.59
CA ASP B 11 22.01 -4.24 -4.98
C ASP B 11 23.51 -4.00 -5.14
N HIS B 12 23.94 -3.63 -6.34
CA HIS B 12 25.36 -3.35 -6.55
C HIS B 12 25.65 -2.60 -7.84
N VAL B 13 26.81 -1.96 -7.84
CA VAL B 13 27.28 -1.23 -9.01
C VAL B 13 28.42 -2.07 -9.54
N ALA B 14 28.36 -2.42 -10.81
CA ALA B 14 29.43 -3.23 -11.38
C ALA B 14 30.50 -2.34 -12.01
N TYR B 15 31.76 -2.64 -11.68
CA TYR B 15 32.91 -1.92 -12.22
C TYR B 15 33.79 -2.91 -12.97
N ALA B 16 33.93 -2.73 -14.27
CA ALA B 16 34.75 -3.61 -15.08
C ALA B 16 36.19 -3.10 -15.25
N CYS B 17 37.13 -3.78 -14.61
CA CYS B 17 38.56 -3.42 -14.69
C CYS B 17 39.36 -4.62 -15.17
N PRO B 18 40.54 -4.38 -15.78
CA PRO B 18 41.37 -5.48 -16.28
C PRO B 18 41.89 -6.41 -15.18
N ASP B 19 42.07 -5.89 -13.98
CA ASP B 19 42.59 -6.71 -12.90
C ASP B 19 41.77 -6.57 -11.62
N ALA B 20 40.94 -7.58 -11.33
CA ALA B 20 40.10 -7.57 -10.15
C ALA B 20 40.92 -7.52 -8.87
N ASP B 21 41.88 -8.43 -8.75
CA ASP B 21 42.75 -8.48 -7.59
C ASP B 21 43.36 -7.10 -7.36
N GLU B 22 43.84 -6.51 -8.44
CA GLU B 22 44.44 -5.18 -8.42
C GLU B 22 43.44 -4.17 -7.85
N ALA B 23 42.30 -4.03 -8.53
CA ALA B 23 41.25 -3.11 -8.12
C ALA B 23 40.86 -3.38 -6.67
N SER B 24 40.74 -4.65 -6.33
CA SER B 24 40.36 -5.03 -4.98
C SER B 24 41.41 -4.59 -3.98
N LYS B 25 42.67 -4.69 -4.37
CA LYS B 25 43.77 -4.28 -3.50
C LYS B 25 43.64 -2.79 -3.21
N TYR B 26 43.34 -2.04 -4.27
CA TYR B 26 43.17 -0.59 -4.17
C TYR B 26 42.05 -0.22 -3.18
N TYR B 27 40.85 -0.80 -3.37
CA TYR B 27 39.72 -0.49 -2.49
C TYR B 27 40.01 -0.77 -1.03
N GLN B 28 40.81 -1.80 -0.75
CA GLN B 28 41.13 -2.15 0.62
C GLN B 28 42.27 -1.30 1.16
N GLU B 29 43.35 -1.22 0.40
CA GLU B 29 44.54 -0.46 0.79
C GLU B 29 44.19 1.02 0.98
N THR B 30 43.92 1.68 -0.14
CA THR B 30 43.58 3.10 -0.20
C THR B 30 42.24 3.46 0.47
N PHE B 31 41.14 3.11 -0.21
CA PHE B 31 39.79 3.42 0.26
C PHE B 31 39.33 2.70 1.53
N GLY B 32 39.95 1.58 1.85
CA GLY B 32 39.57 0.86 3.04
C GLY B 32 38.21 0.16 2.93
N TRP B 33 37.88 -0.32 1.73
CA TRP B 33 36.62 -1.04 1.54
C TRP B 33 36.88 -2.52 1.81
N HIS B 34 35.92 -3.18 2.46
CA HIS B 34 36.06 -4.60 2.79
C HIS B 34 35.68 -5.53 1.65
N GLU B 35 36.50 -6.55 1.42
CA GLU B 35 36.22 -7.54 0.38
C GLU B 35 35.36 -8.61 1.05
N LEU B 36 34.22 -8.92 0.46
CA LEU B 36 33.32 -9.92 1.06
C LEU B 36 33.20 -11.25 0.34
N HIS B 37 33.62 -11.31 -0.92
CA HIS B 37 33.51 -12.54 -1.69
C HIS B 37 34.25 -12.39 -3.01
N ARG B 38 34.87 -13.48 -3.45
CA ARG B 38 35.59 -13.50 -4.71
C ARG B 38 35.13 -14.76 -5.42
N GLU B 39 34.84 -14.65 -6.70
CA GLU B 39 34.37 -15.80 -7.46
C GLU B 39 34.98 -15.80 -8.84
N GLU B 40 35.22 -16.98 -9.38
CA GLU B 40 35.79 -17.11 -10.70
C GLU B 40 35.01 -18.15 -11.52
N ASN B 41 34.51 -17.73 -12.68
CA ASN B 41 33.75 -18.64 -13.54
C ASN B 41 34.34 -18.83 -14.94
N PRO B 42 34.97 -19.97 -15.19
CA PRO B 42 35.57 -20.24 -16.52
C PRO B 42 34.54 -20.22 -17.65
N GLU B 43 33.38 -20.83 -17.43
CA GLU B 43 32.32 -20.88 -18.44
C GLU B 43 32.21 -19.54 -19.16
N GLN B 44 32.01 -18.49 -18.37
CA GLN B 44 31.87 -17.14 -18.91
C GLN B 44 33.18 -16.36 -19.01
N GLY B 45 34.23 -16.88 -18.38
CA GLY B 45 35.53 -16.22 -18.42
C GLY B 45 35.55 -14.92 -17.63
N VAL B 46 34.98 -14.95 -16.43
CA VAL B 46 34.93 -13.76 -15.61
C VAL B 46 35.30 -14.03 -14.15
N VAL B 47 35.89 -13.03 -13.52
CA VAL B 47 36.25 -13.09 -12.12
C VAL B 47 35.52 -11.90 -11.47
N GLU B 48 34.83 -12.15 -10.36
CA GLU B 48 34.07 -11.10 -9.70
C GLU B 48 34.42 -10.96 -8.24
N ILE B 49 34.41 -9.73 -7.77
CA ILE B 49 34.72 -9.48 -6.37
C ILE B 49 33.72 -8.48 -5.80
N MET B 50 33.10 -8.86 -4.69
CA MET B 50 32.11 -8.04 -4.00
C MET B 50 32.73 -7.20 -2.89
N MET B 51 32.72 -5.87 -3.10
CA MET B 51 33.28 -4.92 -2.13
C MET B 51 32.18 -4.11 -1.46
N ALA B 52 32.29 -3.95 -0.14
CA ALA B 52 31.34 -3.17 0.64
C ALA B 52 32.12 -2.15 1.47
N PRO B 53 31.50 -1.03 1.83
CA PRO B 53 32.15 0.02 2.63
C PRO B 53 32.27 -0.34 4.12
N ALA B 54 31.54 -1.35 4.56
CA ALA B 54 31.60 -1.78 5.95
C ALA B 54 31.87 -3.29 5.95
N ALA B 55 32.20 -3.83 7.13
CA ALA B 55 32.49 -5.26 7.24
C ALA B 55 31.19 -6.04 7.09
N LYS B 56 30.16 -5.59 7.79
CA LYS B 56 28.86 -6.23 7.72
C LYS B 56 27.94 -5.36 6.87
N LEU B 57 27.11 -6.00 6.06
CA LEU B 57 26.18 -5.28 5.20
C LEU B 57 24.93 -4.96 5.97
N THR B 58 24.35 -3.79 5.68
CA THR B 58 23.09 -3.43 6.31
C THR B 58 22.05 -3.81 5.25
N GLU B 59 20.83 -4.12 5.68
CA GLU B 59 19.78 -4.53 4.75
C GLU B 59 19.83 -3.90 3.36
N HIS B 60 19.85 -2.56 3.29
CA HIS B 60 19.87 -1.88 2.00
C HIS B 60 21.21 -1.30 1.55
N MET B 61 22.31 -1.85 2.07
CA MET B 61 23.64 -1.33 1.71
C MET B 61 24.09 -1.82 0.36
N THR B 62 24.45 -0.89 -0.53
CA THR B 62 24.90 -1.26 -1.87
C THR B 62 26.39 -1.61 -1.89
N GLN B 63 26.73 -2.61 -2.70
CA GLN B 63 28.12 -3.06 -2.83
C GLN B 63 28.64 -2.69 -4.21
N VAL B 64 29.95 -2.80 -4.39
CA VAL B 64 30.59 -2.55 -5.68
C VAL B 64 31.05 -3.91 -6.18
N GLN B 65 30.65 -4.31 -7.38
CA GLN B 65 31.05 -5.59 -7.93
C GLN B 65 32.11 -5.42 -8.98
N VAL B 66 33.34 -5.81 -8.64
CA VAL B 66 34.47 -5.72 -9.55
C VAL B 66 34.48 -6.87 -10.55
N MET B 67 34.42 -6.54 -11.83
CA MET B 67 34.44 -7.56 -12.88
C MET B 67 35.80 -7.45 -13.57
N ALA B 68 36.27 -8.56 -14.13
CA ALA B 68 37.55 -8.58 -14.83
C ALA B 68 37.65 -9.81 -15.70
N PRO B 69 38.16 -9.65 -16.92
CA PRO B 69 38.31 -10.77 -17.85
C PRO B 69 39.42 -11.72 -17.40
N LEU B 70 39.22 -13.01 -17.66
CA LEU B 70 40.20 -14.03 -17.29
C LEU B 70 41.01 -14.36 -18.54
N ASN B 71 40.48 -13.93 -19.67
CA ASN B 71 41.09 -14.14 -20.98
C ASN B 71 40.52 -13.07 -21.91
N ASP B 72 40.90 -13.11 -23.18
CA ASP B 72 40.40 -12.11 -24.13
C ASP B 72 39.14 -12.52 -24.89
N GLU B 73 38.53 -13.62 -24.47
CA GLU B 73 37.30 -14.08 -25.11
C GLU B 73 36.10 -13.81 -24.19
N SER B 74 36.39 -13.29 -23.00
CA SER B 74 35.36 -12.98 -22.01
C SER B 74 34.55 -11.76 -22.41
N THR B 75 33.25 -11.80 -22.11
CA THR B 75 32.36 -10.69 -22.44
C THR B 75 32.89 -9.41 -21.81
N VAL B 76 33.50 -9.54 -20.63
CA VAL B 76 34.05 -8.39 -19.92
C VAL B 76 35.29 -7.81 -20.61
N ALA B 77 36.09 -8.66 -21.24
CA ALA B 77 37.29 -8.18 -21.92
C ALA B 77 36.85 -7.31 -23.08
N LYS B 78 35.88 -7.81 -23.85
CA LYS B 78 35.34 -7.08 -24.98
C LYS B 78 34.86 -5.71 -24.55
N TRP B 79 34.01 -5.69 -23.53
CA TRP B 79 33.47 -4.45 -23.02
C TRP B 79 34.61 -3.48 -22.75
N LEU B 80 35.59 -3.91 -21.96
CA LEU B 80 36.74 -3.08 -21.64
C LEU B 80 37.32 -2.51 -22.93
N ALA B 81 37.38 -3.35 -23.96
CA ALA B 81 37.90 -2.93 -25.24
C ALA B 81 36.97 -1.87 -25.83
N LYS B 82 35.67 -2.16 -25.80
CA LYS B 82 34.64 -1.26 -26.31
C LYS B 82 34.75 0.11 -25.66
N HIS B 83 35.09 0.13 -24.38
CA HIS B 83 35.26 1.38 -23.66
C HIS B 83 36.74 1.77 -23.66
N ASN B 84 37.40 1.39 -24.74
CA ASN B 84 38.80 1.70 -24.96
C ASN B 84 39.76 1.40 -23.80
N GLY B 85 39.84 0.13 -23.42
CA GLY B 85 40.72 -0.27 -22.35
C GLY B 85 40.56 0.55 -21.08
N ARG B 86 39.50 1.35 -21.03
CA ARG B 86 39.25 2.17 -19.85
C ARG B 86 38.29 1.45 -18.91
N ALA B 87 38.76 1.14 -17.71
CA ALA B 87 37.92 0.50 -16.74
C ALA B 87 36.80 1.51 -16.43
N GLY B 88 35.68 1.05 -15.91
CA GLY B 88 34.61 1.98 -15.61
C GLY B 88 33.32 1.31 -15.19
N LEU B 89 32.43 2.10 -14.61
CA LEU B 89 31.13 1.61 -14.18
C LEU B 89 30.56 0.78 -15.33
N HIS B 90 30.16 -0.46 -15.06
CA HIS B 90 29.64 -1.35 -16.08
C HIS B 90 28.12 -1.40 -16.04
N HIS B 91 27.58 -1.60 -14.85
CA HIS B 91 26.13 -1.57 -14.75
C HIS B 91 25.68 -1.41 -13.32
N MET B 92 24.38 -1.29 -13.20
CA MET B 92 23.74 -1.11 -11.93
C MET B 92 22.81 -2.32 -11.80
N ALA B 93 22.72 -2.89 -10.62
CA ALA B 93 21.85 -4.03 -10.40
C ALA B 93 20.89 -3.61 -9.29
N TRP B 94 19.60 -3.85 -9.53
CA TRP B 94 18.57 -3.51 -8.56
C TRP B 94 18.00 -4.78 -7.94
N ARG B 95 17.95 -4.83 -6.61
CA ARG B 95 17.43 -6.00 -5.92
C ARG B 95 15.89 -6.02 -5.93
N VAL B 96 15.32 -7.20 -6.12
CA VAL B 96 13.87 -7.35 -6.12
C VAL B 96 13.53 -8.55 -5.26
N ASP B 97 12.32 -8.57 -4.71
CA ASP B 97 11.90 -9.67 -3.85
C ASP B 97 11.42 -10.88 -4.66
N ASP B 98 10.83 -10.63 -5.82
CA ASP B 98 10.31 -11.70 -6.66
C ASP B 98 10.57 -11.32 -8.10
N ILE B 99 11.63 -11.88 -8.67
CA ILE B 99 12.01 -11.55 -10.03
C ILE B 99 10.97 -11.92 -11.09
N ASP B 100 10.28 -13.05 -10.91
CA ASP B 100 9.25 -13.43 -11.88
C ASP B 100 8.12 -12.39 -11.93
N ALA B 101 7.63 -11.99 -10.76
CA ALA B 101 6.55 -11.01 -10.71
C ALA B 101 7.01 -9.63 -11.21
N VAL B 102 8.15 -9.16 -10.71
CA VAL B 102 8.66 -7.88 -11.17
C VAL B 102 8.88 -7.90 -12.68
N SER B 103 9.34 -9.04 -13.20
CA SER B 103 9.57 -9.14 -14.65
C SER B 103 8.25 -9.04 -15.42
N ALA B 104 7.25 -9.77 -14.96
CA ALA B 104 5.94 -9.73 -15.61
C ALA B 104 5.42 -8.27 -15.62
N THR B 105 5.44 -7.61 -14.46
CA THR B 105 4.97 -6.22 -14.37
C THR B 105 5.72 -5.30 -15.33
N LEU B 106 7.05 -5.39 -15.30
CA LEU B 106 7.89 -4.56 -16.16
C LEU B 106 7.56 -4.72 -17.66
N ARG B 107 7.30 -5.96 -18.07
CA ARG B 107 6.97 -6.23 -19.47
C ARG B 107 5.66 -5.58 -19.89
N GLU B 108 4.67 -5.56 -18.98
CA GLU B 108 3.39 -4.94 -19.32
C GLU B 108 3.59 -3.45 -19.58
N ARG B 109 4.61 -2.88 -18.94
CA ARG B 109 4.88 -1.46 -19.11
C ARG B 109 5.83 -1.18 -20.26
N GLY B 110 6.10 -2.21 -21.06
CA GLY B 110 6.95 -2.05 -22.22
C GLY B 110 8.45 -2.26 -22.07
N VAL B 111 8.88 -2.81 -20.95
CA VAL B 111 10.31 -3.05 -20.74
C VAL B 111 10.76 -4.33 -21.46
N GLN B 112 11.96 -4.29 -22.03
CA GLN B 112 12.53 -5.44 -22.74
C GLN B 112 13.61 -6.09 -21.86
N LEU B 113 13.53 -7.40 -21.69
CA LEU B 113 14.52 -8.12 -20.89
C LEU B 113 15.39 -9.01 -21.78
N LEU B 114 16.67 -9.13 -21.43
CA LEU B 114 17.66 -9.92 -22.16
C LEU B 114 17.27 -11.38 -22.26
N TYR B 115 16.85 -11.95 -21.13
CA TYR B 115 16.47 -13.36 -21.09
C TYR B 115 14.96 -13.52 -20.88
N ASP B 116 14.38 -14.55 -21.50
CA ASP B 116 12.96 -14.82 -21.34
C ASP B 116 12.77 -15.32 -19.90
N GLU B 117 13.76 -16.03 -19.42
CA GLU B 117 13.71 -16.59 -18.09
C GLU B 117 14.93 -16.17 -17.27
N PRO B 118 14.79 -16.04 -15.95
CA PRO B 118 15.89 -15.65 -15.09
C PRO B 118 17.07 -16.61 -15.21
N LYS B 119 18.27 -16.07 -15.14
CA LYS B 119 19.49 -16.86 -15.20
C LYS B 119 20.00 -17.00 -13.76
N LEU B 120 20.91 -17.95 -13.54
CA LEU B 120 21.47 -18.15 -12.21
C LEU B 120 22.69 -17.28 -12.03
N GLY B 121 22.68 -16.43 -11.00
CA GLY B 121 23.80 -15.54 -10.76
C GLY B 121 24.74 -16.01 -9.66
N THR B 122 25.53 -15.08 -9.12
CA THR B 122 26.46 -15.43 -8.07
C THR B 122 25.72 -15.64 -6.75
N GLY B 123 26.16 -16.62 -5.98
CA GLY B 123 25.51 -16.90 -4.71
C GLY B 123 24.13 -17.51 -4.83
N GLY B 124 23.69 -17.78 -6.06
CA GLY B 124 22.39 -18.38 -6.23
C GLY B 124 21.29 -17.38 -6.55
N ASN B 125 21.69 -16.14 -6.79
CA ASN B 125 20.71 -15.12 -7.12
C ASN B 125 20.13 -15.47 -8.49
N ARG B 126 18.92 -15.02 -8.75
CA ARG B 126 18.29 -15.24 -10.04
C ARG B 126 18.39 -13.85 -10.67
N ILE B 127 18.85 -13.77 -11.92
CA ILE B 127 19.03 -12.47 -12.56
C ILE B 127 18.56 -12.37 -13.99
N ASN B 128 18.48 -11.15 -14.49
CA ASN B 128 18.07 -10.86 -15.85
C ASN B 128 18.47 -9.41 -16.02
N PHE B 129 18.42 -8.89 -17.25
CA PHE B 129 18.79 -7.50 -17.50
C PHE B 129 17.73 -6.78 -18.33
N MET B 130 17.65 -5.47 -18.17
CA MET B 130 16.69 -4.66 -18.90
C MET B 130 17.38 -3.99 -20.07
N HIS B 131 17.15 -4.52 -21.27
CA HIS B 131 17.76 -3.99 -22.49
C HIS B 131 18.14 -2.52 -22.38
N PRO B 132 19.37 -2.17 -22.78
CA PRO B 132 19.88 -0.79 -22.72
C PRO B 132 18.82 0.25 -23.08
N LYS B 133 18.02 -0.04 -24.11
CA LYS B 133 16.98 0.88 -24.54
C LYS B 133 15.92 1.00 -23.46
N SER B 134 15.85 0.00 -22.60
CA SER B 134 14.89 -0.03 -21.51
C SER B 134 15.47 0.64 -20.27
N GLY B 135 16.74 0.36 -19.98
CA GLY B 135 17.38 0.98 -18.84
C GLY B 135 17.70 2.41 -19.19
N LYS B 136 17.57 2.72 -20.48
CA LYS B 136 17.82 4.05 -21.03
C LYS B 136 19.30 4.44 -21.00
N GLY B 137 20.04 3.95 -21.99
CA GLY B 137 21.47 4.24 -22.07
C GLY B 137 22.30 3.43 -21.10
N VAL B 138 21.64 2.89 -20.09
CA VAL B 138 22.32 2.07 -19.09
C VAL B 138 21.75 0.65 -19.08
N LEU B 139 22.63 -0.31 -18.80
CA LEU B 139 22.23 -1.70 -18.73
C LEU B 139 21.85 -1.91 -17.28
N ILE B 140 20.59 -2.24 -17.00
CA ILE B 140 20.18 -2.43 -15.61
C ILE B 140 19.91 -3.91 -15.30
N GLU B 141 20.40 -4.36 -14.17
CA GLU B 141 20.22 -5.76 -13.80
C GLU B 141 19.17 -5.88 -12.71
N LEU B 142 18.43 -6.98 -12.76
CA LEU B 142 17.42 -7.30 -11.77
C LEU B 142 18.07 -8.44 -11.00
N THR B 143 18.06 -8.36 -9.68
CA THR B 143 18.65 -9.41 -8.86
C THR B 143 17.76 -9.83 -7.71
N GLN B 144 17.52 -11.13 -7.61
CA GLN B 144 16.71 -11.66 -6.53
C GLN B 144 17.56 -12.58 -5.68
N TYR B 145 17.60 -12.34 -4.38
CA TYR B 145 18.37 -13.20 -3.50
C TYR B 145 17.67 -14.54 -3.41
N PRO B 146 18.43 -15.64 -3.39
CA PRO B 146 17.88 -16.99 -3.33
C PRO B 146 17.16 -17.21 -2.02
N LYS B 147 15.87 -17.52 -2.12
CA LYS B 147 15.05 -17.77 -0.94
C LYS B 147 13.87 -18.65 -1.33
N ASN C 3 -17.70 2.73 40.25
CA ASN C 3 -17.05 2.20 39.01
C ASN C 3 -18.06 1.45 38.13
N GLU C 4 -17.53 0.73 37.15
CA GLU C 4 -18.37 -0.03 36.21
C GLU C 4 -17.49 -0.71 35.16
N ASP C 5 -18.13 -1.36 34.19
CA ASP C 5 -17.41 -2.03 33.12
C ASP C 5 -17.03 -1.06 32.02
N LEU C 6 -15.74 -1.04 31.68
CA LEU C 6 -15.26 -0.17 30.62
C LEU C 6 -15.28 -0.88 29.27
N PHE C 7 -15.30 -2.22 29.31
CA PHE C 7 -15.25 -3.04 28.11
C PHE C 7 -16.42 -4.01 27.90
N ILE C 8 -16.99 -3.96 26.68
CA ILE C 8 -18.12 -4.81 26.31
C ILE C 8 -17.68 -6.27 26.13
N CYS C 9 -16.58 -6.47 25.42
CA CYS C 9 -16.07 -7.81 25.19
C CYS C 9 -14.77 -7.66 24.42
N ILE C 10 -14.07 -8.78 24.23
CA ILE C 10 -12.85 -8.75 23.44
C ILE C 10 -13.38 -8.67 22.00
N ASP C 11 -13.10 -7.57 21.30
CA ASP C 11 -13.59 -7.41 19.94
C ASP C 11 -12.92 -8.40 19.00
N HIS C 12 -11.59 -8.43 19.04
CA HIS C 12 -10.85 -9.36 18.20
C HIS C 12 -9.43 -9.58 18.66
N VAL C 13 -8.87 -10.68 18.17
CA VAL C 13 -7.49 -11.07 18.43
C VAL C 13 -6.80 -10.98 17.07
N ALA C 14 -5.70 -10.23 16.98
CA ALA C 14 -5.00 -10.10 15.71
C ALA C 14 -3.89 -11.11 15.55
N TYR C 15 -3.84 -11.70 14.37
CA TYR C 15 -2.85 -12.70 14.03
C TYR C 15 -2.04 -12.12 12.86
N ALA C 16 -0.77 -11.83 13.09
CA ALA C 16 0.04 -11.29 12.01
C ALA C 16 0.72 -12.47 11.32
N CYS C 17 0.74 -12.44 10.00
CA CYS C 17 1.34 -13.50 9.22
C CYS C 17 1.80 -12.92 7.90
N PRO C 18 2.58 -13.68 7.13
CA PRO C 18 3.06 -13.13 5.85
C PRO C 18 2.03 -13.09 4.72
N ASP C 19 1.02 -13.94 4.79
CA ASP C 19 0.01 -14.00 3.72
C ASP C 19 -1.39 -14.17 4.28
N ALA C 20 -2.15 -13.08 4.29
CA ALA C 20 -3.52 -13.12 4.81
C ALA C 20 -4.43 -14.01 3.97
N ASP C 21 -4.13 -14.13 2.68
CA ASP C 21 -4.93 -14.95 1.77
C ASP C 21 -4.87 -16.40 2.21
N GLU C 22 -3.66 -16.92 2.35
CA GLU C 22 -3.45 -18.31 2.75
C GLU C 22 -3.98 -18.59 4.15
N ALA C 23 -3.81 -17.64 5.06
CA ALA C 23 -4.30 -17.85 6.41
C ALA C 23 -5.82 -17.98 6.40
N SER C 24 -6.50 -17.11 5.66
CA SER C 24 -7.97 -17.15 5.58
C SER C 24 -8.48 -18.44 4.95
N LYS C 25 -7.90 -18.83 3.83
CA LYS C 25 -8.33 -20.05 3.15
C LYS C 25 -8.18 -21.23 4.10
N TYR C 26 -7.08 -21.26 4.84
CA TYR C 26 -6.84 -22.33 5.79
C TYR C 26 -7.94 -22.33 6.87
N TYR C 27 -8.18 -21.16 7.47
CA TYR C 27 -9.19 -20.99 8.52
C TYR C 27 -10.58 -21.44 8.08
N GLN C 28 -10.83 -21.33 6.78
CA GLN C 28 -12.12 -21.70 6.22
C GLN C 28 -12.22 -23.18 5.94
N GLU C 29 -11.31 -23.70 5.13
CA GLU C 29 -11.33 -25.10 4.76
C GLU C 29 -10.97 -26.07 5.87
N THR C 30 -9.92 -25.76 6.63
CA THR C 30 -9.50 -26.63 7.71
C THR C 30 -10.30 -26.42 9.00
N PHE C 31 -10.45 -25.16 9.42
CA PHE C 31 -11.16 -24.89 10.65
C PHE C 31 -12.65 -24.60 10.50
N GLY C 32 -13.10 -24.34 9.27
CA GLY C 32 -14.51 -24.06 9.06
C GLY C 32 -14.95 -22.68 9.54
N TRP C 33 -14.00 -21.78 9.76
CA TRP C 33 -14.34 -20.42 10.18
C TRP C 33 -14.83 -19.67 8.95
N HIS C 34 -15.42 -18.50 9.17
CA HIS C 34 -15.99 -17.68 8.11
C HIS C 34 -15.28 -16.33 7.91
N GLU C 35 -15.07 -15.93 6.66
CA GLU C 35 -14.45 -14.65 6.38
C GLU C 35 -15.58 -13.65 6.28
N LEU C 36 -15.59 -12.63 7.13
CA LEU C 36 -16.66 -11.65 7.12
C LEU C 36 -16.35 -10.33 6.44
N HIS C 37 -15.07 -9.98 6.40
CA HIS C 37 -14.71 -8.69 5.82
C HIS C 37 -13.22 -8.68 5.52
N ARG C 38 -12.86 -7.98 4.46
CA ARG C 38 -11.47 -7.86 4.02
C ARG C 38 -11.21 -6.39 3.70
N GLU C 39 -10.05 -5.88 4.10
CA GLU C 39 -9.70 -4.49 3.85
C GLU C 39 -8.22 -4.34 3.55
N GLU C 40 -7.91 -3.46 2.61
CA GLU C 40 -6.53 -3.22 2.25
C GLU C 40 -6.29 -1.72 2.41
N ASN C 41 -5.28 -1.37 3.21
CA ASN C 41 -4.95 0.03 3.47
C ASN C 41 -3.58 0.44 2.91
N PRO C 42 -3.58 1.23 1.81
CA PRO C 42 -2.33 1.68 1.19
C PRO C 42 -1.41 2.46 2.12
N GLU C 43 -1.93 3.50 2.77
CA GLU C 43 -1.10 4.30 3.66
C GLU C 43 -0.40 3.43 4.70
N GLN C 44 -1.16 2.62 5.42
CA GLN C 44 -0.59 1.73 6.44
C GLN C 44 0.22 0.58 5.85
N GLY C 45 -0.03 0.23 4.58
CA GLY C 45 0.68 -0.88 3.97
C GLY C 45 0.27 -2.21 4.59
N VAL C 46 -1.02 -2.34 4.92
CA VAL C 46 -1.52 -3.55 5.55
C VAL C 46 -2.84 -4.09 5.01
N VAL C 47 -2.98 -5.41 5.02
CA VAL C 47 -4.19 -6.08 4.58
C VAL C 47 -4.74 -6.81 5.80
N GLU C 48 -6.03 -6.61 6.09
CA GLU C 48 -6.67 -7.25 7.23
C GLU C 48 -7.92 -8.02 6.80
N ILE C 49 -8.09 -9.22 7.33
CA ILE C 49 -9.23 -10.05 7.02
C ILE C 49 -9.89 -10.47 8.34
N MET C 50 -11.16 -10.13 8.51
CA MET C 50 -11.89 -10.48 9.73
C MET C 50 -12.51 -11.87 9.63
N MET C 51 -12.12 -12.77 10.55
CA MET C 51 -12.65 -14.15 10.56
C MET C 51 -13.54 -14.38 11.80
N ALA C 52 -14.56 -15.24 11.66
CA ALA C 52 -15.46 -15.55 12.75
C ALA C 52 -15.74 -17.03 12.83
N PRO C 53 -15.95 -17.55 14.04
CA PRO C 53 -16.24 -18.98 14.20
C PRO C 53 -17.63 -19.34 13.66
N ALA C 54 -18.44 -18.32 13.36
CA ALA C 54 -19.79 -18.56 12.81
C ALA C 54 -20.13 -17.54 11.73
N ALA C 55 -21.03 -17.93 10.82
CA ALA C 55 -21.44 -17.06 9.73
C ALA C 55 -21.96 -15.73 10.26
N LYS C 56 -22.74 -15.79 11.34
CA LYS C 56 -23.28 -14.57 11.90
C LYS C 56 -22.75 -14.35 13.30
N LEU C 57 -22.22 -13.16 13.53
CA LEU C 57 -21.69 -12.78 14.84
C LEU C 57 -22.80 -12.56 15.84
N THR C 58 -22.59 -13.01 17.07
CA THR C 58 -23.55 -12.78 18.14
C THR C 58 -22.98 -11.52 18.80
N GLU C 59 -23.76 -10.84 19.63
CA GLU C 59 -23.31 -9.60 20.25
C GLU C 59 -21.88 -9.56 20.81
N HIS C 60 -21.50 -10.56 21.61
CA HIS C 60 -20.18 -10.57 22.21
C HIS C 60 -19.24 -11.58 21.58
N MET C 61 -19.44 -11.86 20.29
CA MET C 61 -18.58 -12.83 19.62
C MET C 61 -17.25 -12.24 19.16
N THR C 62 -16.16 -12.74 19.73
CA THR C 62 -14.81 -12.29 19.36
C THR C 62 -14.38 -12.84 18.00
N GLN C 63 -13.74 -11.99 17.22
CA GLN C 63 -13.27 -12.39 15.91
C GLN C 63 -11.76 -12.47 15.90
N VAL C 64 -11.22 -13.04 14.83
CA VAL C 64 -9.77 -13.11 14.66
C VAL C 64 -9.47 -12.20 13.49
N GLN C 65 -8.58 -11.23 13.68
CA GLN C 65 -8.21 -10.36 12.58
C GLN C 65 -6.88 -10.81 12.00
N VAL C 66 -6.90 -11.31 10.77
CA VAL C 66 -5.68 -11.76 10.14
C VAL C 66 -5.02 -10.56 9.43
N MET C 67 -3.78 -10.25 9.77
CA MET C 67 -3.09 -9.15 9.14
C MET C 67 -1.74 -9.54 8.53
N ALA C 68 -1.49 -9.04 7.33
CA ALA C 68 -0.25 -9.31 6.61
C ALA C 68 0.25 -8.00 6.01
N PRO C 69 1.56 -7.92 5.73
CA PRO C 69 2.08 -6.68 5.15
C PRO C 69 1.95 -6.58 3.64
N LEU C 70 1.80 -5.36 3.15
CA LEU C 70 1.71 -5.11 1.71
C LEU C 70 3.07 -4.63 1.22
N ASN C 71 3.89 -4.11 2.14
CA ASN C 71 5.24 -3.64 1.83
C ASN C 71 6.10 -3.70 3.09
N ASP C 72 7.41 -3.71 2.93
CA ASP C 72 8.34 -3.82 4.05
C ASP C 72 8.34 -2.71 5.09
N GLU C 73 7.83 -1.52 4.76
CA GLU C 73 7.84 -0.46 5.75
C GLU C 73 6.62 -0.46 6.68
N SER C 74 5.69 -1.37 6.44
CA SER C 74 4.50 -1.45 7.29
C SER C 74 4.85 -1.93 8.69
N THR C 75 3.96 -1.67 9.64
CA THR C 75 4.20 -2.10 11.00
C THR C 75 4.22 -3.61 11.10
N VAL C 76 3.37 -4.27 10.31
CA VAL C 76 3.28 -5.73 10.34
C VAL C 76 4.58 -6.37 9.86
N ALA C 77 5.14 -5.88 8.76
CA ALA C 77 6.38 -6.42 8.24
C ALA C 77 7.51 -6.27 9.26
N LYS C 78 7.56 -5.12 9.95
CA LYS C 78 8.58 -4.87 10.97
C LYS C 78 8.43 -5.89 12.09
N TRP C 79 7.20 -6.10 12.53
CA TRP C 79 6.92 -7.06 13.59
C TRP C 79 7.36 -8.45 13.12
N LEU C 80 6.95 -8.85 11.91
CA LEU C 80 7.33 -10.15 11.38
C LEU C 80 8.86 -10.32 11.29
N ALA C 81 9.56 -9.29 10.81
CA ALA C 81 11.02 -9.39 10.73
C ALA C 81 11.59 -9.56 12.13
N LYS C 82 10.94 -8.92 13.11
CA LYS C 82 11.36 -9.03 14.51
C LYS C 82 11.29 -10.48 14.96
N HIS C 83 10.10 -11.08 14.85
CA HIS C 83 9.90 -12.47 15.26
C HIS C 83 10.46 -13.48 14.26
N ASN C 84 11.38 -13.01 13.43
CA ASN C 84 12.03 -13.87 12.44
C ASN C 84 11.06 -14.55 11.49
N GLY C 85 10.17 -13.77 10.89
CA GLY C 85 9.21 -14.33 9.94
C GLY C 85 8.17 -15.23 10.58
N ARG C 86 8.18 -15.32 11.90
CA ARG C 86 7.24 -16.18 12.64
C ARG C 86 5.84 -15.54 12.81
N ALA C 87 4.82 -16.17 12.22
CA ALA C 87 3.44 -15.67 12.35
C ALA C 87 2.99 -15.90 13.79
N GLY C 88 2.11 -15.04 14.29
CA GLY C 88 1.64 -15.21 15.65
C GLY C 88 0.66 -14.15 16.13
N LEU C 89 0.21 -14.30 17.36
CA LEU C 89 -0.71 -13.37 17.99
C LEU C 89 -0.03 -12.02 18.09
N HIS C 90 -0.69 -10.99 17.57
CA HIS C 90 -0.11 -9.66 17.54
C HIS C 90 -0.65 -8.72 18.61
N HIS C 91 -1.95 -8.81 18.87
CA HIS C 91 -2.57 -7.99 19.88
C HIS C 91 -4.01 -8.38 20.11
N MET C 92 -4.61 -7.79 21.14
CA MET C 92 -6.00 -8.03 21.50
C MET C 92 -6.68 -6.69 21.38
N ALA C 93 -7.94 -6.69 20.94
CA ALA C 93 -8.68 -5.43 20.85
C ALA C 93 -9.89 -5.59 21.74
N TRP C 94 -10.17 -4.58 22.57
CA TRP C 94 -11.32 -4.62 23.45
C TRP C 94 -12.37 -3.60 23.02
N ARG C 95 -13.61 -4.06 22.82
CA ARG C 95 -14.68 -3.16 22.41
C ARG C 95 -15.15 -2.28 23.56
N VAL C 96 -15.39 -1.01 23.25
CA VAL C 96 -15.86 -0.04 24.23
C VAL C 96 -17.02 0.72 23.62
N ASP C 97 -17.94 1.20 24.44
CA ASP C 97 -19.09 1.94 23.93
C ASP C 97 -18.74 3.39 23.64
N ASP C 98 -17.88 3.95 24.48
CA ASP C 98 -17.47 5.35 24.34
C ASP C 98 -15.98 5.44 24.57
N ILE C 99 -15.21 5.43 23.50
CA ILE C 99 -13.77 5.47 23.62
C ILE C 99 -13.24 6.72 24.35
N ASP C 100 -13.88 7.87 24.17
CA ASP C 100 -13.42 9.07 24.86
C ASP C 100 -13.55 8.92 26.37
N ALA C 101 -14.69 8.44 26.85
CA ALA C 101 -14.86 8.30 28.29
C ALA C 101 -13.95 7.20 28.86
N VAL C 102 -13.81 6.11 28.13
CA VAL C 102 -12.97 5.02 28.59
C VAL C 102 -11.51 5.49 28.62
N SER C 103 -11.13 6.28 27.62
CA SER C 103 -9.77 6.79 27.52
C SER C 103 -9.47 7.77 28.66
N ALA C 104 -10.45 8.60 28.99
CA ALA C 104 -10.28 9.55 30.08
C ALA C 104 -10.16 8.80 31.41
N THR C 105 -10.99 7.77 31.58
CA THR C 105 -10.96 6.99 32.81
C THR C 105 -9.64 6.25 33.00
N LEU C 106 -9.15 5.62 31.94
CA LEU C 106 -7.89 4.89 32.00
C LEU C 106 -6.71 5.83 32.27
N ARG C 107 -6.67 6.96 31.57
CA ARG C 107 -5.58 7.90 31.75
C ARG C 107 -5.46 8.37 33.20
N GLU C 108 -6.58 8.66 33.85
CA GLU C 108 -6.51 9.10 35.24
C GLU C 108 -6.04 7.95 36.11
N ARG C 109 -6.11 6.73 35.58
CA ARG C 109 -5.66 5.56 36.34
C ARG C 109 -4.21 5.25 36.06
N GLY C 110 -3.57 6.10 35.26
CA GLY C 110 -2.16 5.90 34.95
C GLY C 110 -1.83 5.24 33.62
N VAL C 111 -2.85 4.72 32.93
CA VAL C 111 -2.63 4.06 31.65
C VAL C 111 -2.11 5.08 30.62
N GLN C 112 -1.23 4.64 29.73
CA GLN C 112 -0.71 5.51 28.68
C GLN C 112 -1.21 4.99 27.33
N LEU C 113 -1.71 5.91 26.51
CA LEU C 113 -2.24 5.58 25.19
C LEU C 113 -1.36 6.08 24.05
N LEU C 114 -1.35 5.33 22.96
CA LEU C 114 -0.56 5.64 21.78
C LEU C 114 -0.79 7.04 21.21
N TYR C 115 -2.03 7.34 20.83
CA TYR C 115 -2.35 8.64 20.26
C TYR C 115 -3.06 9.54 21.27
N ASP C 116 -2.98 10.85 21.04
CA ASP C 116 -3.65 11.80 21.92
C ASP C 116 -5.14 11.69 21.70
N GLU C 117 -5.54 11.43 20.46
CA GLU C 117 -6.95 11.32 20.12
C GLU C 117 -7.27 10.04 19.34
N PRO C 118 -8.51 9.54 19.47
CA PRO C 118 -8.92 8.33 18.76
C PRO C 118 -8.77 8.54 17.26
N LYS C 119 -8.44 7.48 16.52
CA LYS C 119 -8.31 7.58 15.07
C LYS C 119 -9.22 6.58 14.36
N LEU C 120 -9.33 6.73 13.05
CA LEU C 120 -10.17 5.85 12.22
C LEU C 120 -9.47 4.53 11.96
N GLY C 121 -10.15 3.44 12.27
CA GLY C 121 -9.57 2.12 12.04
C GLY C 121 -10.30 1.38 10.93
N THR C 122 -10.58 0.09 11.17
CA THR C 122 -11.28 -0.74 10.19
C THR C 122 -12.78 -0.55 10.32
N GLY C 123 -13.46 -0.63 9.18
CA GLY C 123 -14.91 -0.51 9.16
C GLY C 123 -15.51 0.65 9.93
N GLY C 124 -14.82 1.79 9.96
CA GLY C 124 -15.35 2.94 10.67
C GLY C 124 -15.22 2.96 12.18
N ASN C 125 -14.43 2.06 12.75
CA ASN C 125 -14.26 2.04 14.20
C ASN C 125 -13.30 3.17 14.58
N ARG C 126 -13.46 3.69 15.79
CA ARG C 126 -12.55 4.73 16.31
C ARG C 126 -11.64 3.94 17.25
N ILE C 127 -10.33 3.96 17.00
CA ILE C 127 -9.41 3.18 17.83
C ILE C 127 -8.23 3.92 18.47
N ASN C 128 -7.59 3.24 19.41
CA ASN C 128 -6.39 3.72 20.09
C ASN C 128 -5.75 2.48 20.68
N PHE C 129 -4.48 2.61 21.08
CA PHE C 129 -3.76 1.49 21.65
C PHE C 129 -3.13 1.91 22.96
N MET C 130 -3.05 0.99 23.91
CA MET C 130 -2.40 1.30 25.18
C MET C 130 -0.93 1.02 24.94
N HIS C 131 -0.05 1.62 25.74
CA HIS C 131 1.38 1.34 25.60
C HIS C 131 1.56 -0.08 26.13
N PRO C 132 2.57 -0.80 25.63
CA PRO C 132 2.87 -2.19 26.03
C PRO C 132 2.84 -2.39 27.54
N LYS C 133 3.60 -1.59 28.26
CA LYS C 133 3.65 -1.67 29.73
C LYS C 133 2.23 -1.61 30.28
N SER C 134 1.45 -0.65 29.80
CA SER C 134 0.07 -0.50 30.25
C SER C 134 -0.74 -1.75 29.98
N GLY C 135 -0.31 -2.52 28.99
CA GLY C 135 -0.99 -3.76 28.67
C GLY C 135 -0.35 -4.91 29.41
N LYS C 136 0.70 -4.59 30.18
CA LYS C 136 1.39 -5.60 30.95
C LYS C 136 2.09 -6.64 30.05
N GLY C 137 2.70 -6.16 28.96
CA GLY C 137 3.37 -7.07 28.06
C GLY C 137 2.52 -7.47 26.87
N VAL C 138 1.27 -7.04 26.88
CA VAL C 138 0.36 -7.35 25.78
C VAL C 138 -0.07 -6.03 25.16
N LEU C 139 -0.02 -5.94 23.83
CA LEU C 139 -0.47 -4.73 23.14
C LEU C 139 -1.99 -4.85 23.10
N ILE C 140 -2.69 -3.88 23.67
CA ILE C 140 -4.14 -3.90 23.76
C ILE C 140 -4.77 -2.70 23.06
N GLU C 141 -5.71 -2.99 22.17
CA GLU C 141 -6.38 -1.94 21.43
C GLU C 141 -7.76 -1.64 21.99
N LEU C 142 -8.14 -0.37 21.90
CA LEU C 142 -9.46 0.11 22.31
C LEU C 142 -10.17 0.28 20.97
N THR C 143 -11.38 -0.24 20.85
CA THR C 143 -12.11 -0.15 19.60
C THR C 143 -13.57 0.16 19.84
N GLN C 144 -14.04 1.24 19.23
CA GLN C 144 -15.44 1.63 19.35
C GLN C 144 -16.07 1.53 17.96
N TYR C 145 -17.23 0.88 17.89
CA TYR C 145 -17.96 0.72 16.65
C TYR C 145 -18.53 2.05 16.14
N PRO C 146 -18.57 2.22 14.81
CA PRO C 146 -19.09 3.44 14.18
C PRO C 146 -20.51 3.81 14.52
N LYS C 147 -20.89 5.01 14.09
CA LYS C 147 -22.23 5.57 14.31
C LYS C 147 -22.51 5.84 15.77
N GLU D 4 -20.37 -27.91 8.63
CA GLU D 4 -20.96 -27.01 9.65
C GLU D 4 -19.86 -26.48 10.57
N ASP D 5 -20.22 -25.61 11.50
CA ASP D 5 -19.25 -25.03 12.43
C ASP D 5 -18.70 -26.00 13.47
N LEU D 6 -17.38 -26.02 13.62
CA LEU D 6 -16.71 -26.89 14.57
C LEU D 6 -16.46 -26.14 15.87
N PHE D 7 -16.53 -24.82 15.79
CA PHE D 7 -16.25 -23.99 16.96
C PHE D 7 -17.36 -23.05 17.39
N ILE D 8 -17.62 -23.06 18.69
CA ILE D 8 -18.65 -22.22 19.28
C ILE D 8 -18.19 -20.78 19.37
N CYS D 9 -16.92 -20.61 19.74
CA CYS D 9 -16.33 -19.30 19.90
C CYS D 9 -14.92 -19.45 20.48
N ILE D 10 -14.19 -18.35 20.56
CA ILE D 10 -12.87 -18.38 21.17
C ILE D 10 -13.20 -18.47 22.66
N ASP D 11 -12.83 -19.57 23.32
CA ASP D 11 -13.13 -19.69 24.76
C ASP D 11 -12.34 -18.69 25.58
N HIS D 12 -11.03 -18.67 25.39
CA HIS D 12 -10.19 -17.72 26.13
C HIS D 12 -8.89 -17.41 25.43
N VAL D 13 -8.29 -16.29 25.82
CA VAL D 13 -6.99 -15.87 25.31
C VAL D 13 -6.05 -16.05 26.51
N ALA D 14 -5.06 -16.91 26.38
CA ALA D 14 -4.12 -17.16 27.46
C ALA D 14 -2.98 -16.15 27.50
N TYR D 15 -2.79 -15.55 28.66
CA TYR D 15 -1.77 -14.54 28.91
C TYR D 15 -0.81 -15.08 29.95
N ALA D 16 0.46 -15.28 29.56
CA ALA D 16 1.47 -15.79 30.48
C ALA D 16 2.21 -14.63 31.14
N CYS D 17 2.42 -14.74 32.45
CA CYS D 17 3.12 -13.71 33.21
C CYS D 17 3.84 -14.34 34.41
N PRO D 18 4.68 -13.56 35.11
CA PRO D 18 5.41 -14.08 36.26
C PRO D 18 4.54 -14.24 37.51
N ASP D 19 3.56 -13.34 37.65
CA ASP D 19 2.67 -13.34 38.82
C ASP D 19 1.19 -13.19 38.45
N ALA D 20 0.47 -14.31 38.36
CA ALA D 20 -0.94 -14.25 38.01
C ALA D 20 -1.75 -13.31 38.92
N ASP D 21 -1.56 -13.41 40.23
CA ASP D 21 -2.30 -12.56 41.16
C ASP D 21 -2.04 -11.08 40.93
N GLU D 22 -0.80 -10.73 40.60
CA GLU D 22 -0.44 -9.35 40.34
C GLU D 22 -1.21 -8.87 39.11
N ALA D 23 -1.23 -9.71 38.07
CA ALA D 23 -1.92 -9.37 36.83
C ALA D 23 -3.42 -9.24 37.06
N SER D 24 -4.00 -10.17 37.82
CA SER D 24 -5.43 -10.12 38.10
C SER D 24 -5.84 -8.84 38.80
N LYS D 25 -5.05 -8.42 39.78
CA LYS D 25 -5.36 -7.20 40.51
C LYS D 25 -5.31 -6.01 39.56
N TYR D 26 -4.28 -5.94 38.73
CA TYR D 26 -4.16 -4.84 37.76
C TYR D 26 -5.41 -4.81 36.86
N TYR D 27 -5.82 -5.96 36.35
CA TYR D 27 -7.01 -6.06 35.49
C TYR D 27 -8.28 -5.56 36.17
N GLN D 28 -8.52 -5.99 37.40
CA GLN D 28 -9.71 -5.56 38.12
C GLN D 28 -9.68 -4.07 38.44
N GLU D 29 -8.60 -3.62 39.09
CA GLU D 29 -8.45 -2.22 39.49
C GLU D 29 -8.26 -1.21 38.36
N THR D 30 -7.45 -1.54 37.36
CA THR D 30 -7.20 -0.63 36.26
C THR D 30 -8.14 -0.78 35.05
N PHE D 31 -8.43 -2.03 34.67
CA PHE D 31 -9.32 -2.29 33.53
C PHE D 31 -10.76 -2.59 33.93
N GLY D 32 -11.00 -2.83 35.22
CA GLY D 32 -12.35 -3.12 35.66
C GLY D 32 -12.89 -4.47 35.20
N TRP D 33 -12.00 -5.43 34.98
CA TRP D 33 -12.42 -6.77 34.58
C TRP D 33 -12.69 -7.54 35.86
N HIS D 34 -13.27 -8.74 35.72
CA HIS D 34 -13.62 -9.54 36.88
C HIS D 34 -12.98 -10.91 36.93
N GLU D 35 -12.44 -11.26 38.10
CA GLU D 35 -11.84 -12.57 38.28
C GLU D 35 -13.00 -13.53 38.50
N LEU D 36 -13.14 -14.55 37.67
CA LEU D 36 -14.24 -15.47 37.83
C LEU D 36 -13.85 -16.80 38.45
N HIS D 37 -12.58 -17.14 38.32
CA HIS D 37 -12.09 -18.41 38.82
C HIS D 37 -10.57 -18.36 38.95
N ARG D 38 -10.05 -19.07 39.94
CA ARG D 38 -8.61 -19.16 40.18
C ARG D 38 -8.35 -20.62 40.53
N GLU D 39 -7.33 -21.22 39.94
CA GLU D 39 -7.05 -22.62 40.17
C GLU D 39 -5.54 -22.89 40.16
N GLU D 40 -5.09 -23.81 40.99
CA GLU D 40 -3.66 -24.15 41.04
C GLU D 40 -3.43 -25.64 40.83
N ASN D 41 -2.49 -25.97 39.96
CA ASN D 41 -2.14 -27.36 39.70
C ASN D 41 -0.67 -27.48 40.01
N PRO D 42 -0.33 -27.79 41.28
CA PRO D 42 1.08 -27.92 41.65
C PRO D 42 1.82 -29.00 40.86
N GLU D 43 1.06 -29.94 40.31
CA GLU D 43 1.65 -31.03 39.53
C GLU D 43 2.20 -30.50 38.21
N GLN D 44 1.51 -29.53 37.62
CA GLN D 44 1.97 -28.93 36.37
C GLN D 44 2.83 -27.71 36.67
N GLY D 45 2.77 -27.25 37.92
CA GLY D 45 3.53 -26.09 38.34
C GLY D 45 2.99 -24.84 37.69
N VAL D 46 1.66 -24.69 37.71
CA VAL D 46 1.03 -23.54 37.10
C VAL D 46 -0.23 -23.04 37.82
N VAL D 47 -0.37 -21.73 37.91
CA VAL D 47 -1.54 -21.11 38.50
C VAL D 47 -2.32 -20.47 37.35
N GLU D 48 -3.64 -20.54 37.39
CA GLU D 48 -4.46 -19.96 36.32
C GLU D 48 -5.64 -19.18 36.90
N ILE D 49 -5.86 -17.97 36.38
CA ILE D 49 -6.96 -17.15 36.83
C ILE D 49 -7.76 -16.72 35.61
N MET D 50 -9.06 -16.98 35.63
CA MET D 50 -9.94 -16.62 34.53
C MET D 50 -10.51 -15.23 34.79
N MET D 51 -10.34 -14.33 33.82
CA MET D 51 -10.80 -12.95 33.89
C MET D 51 -11.84 -12.69 32.79
N ALA D 52 -12.83 -11.85 33.10
CA ALA D 52 -13.87 -11.53 32.13
C ALA D 52 -14.18 -10.04 32.16
N PRO D 53 -14.62 -9.47 31.03
CA PRO D 53 -14.94 -8.05 30.93
C PRO D 53 -16.23 -7.70 31.68
N ALA D 54 -16.98 -8.72 32.07
CA ALA D 54 -18.22 -8.54 32.81
C ALA D 54 -18.31 -9.57 33.96
N ALA D 55 -19.05 -9.22 35.01
CA ALA D 55 -19.24 -10.12 36.15
C ALA D 55 -19.98 -11.38 35.72
N LYS D 56 -20.90 -11.23 34.77
CA LYS D 56 -21.65 -12.38 34.28
C LYS D 56 -21.28 -12.67 32.83
N LEU D 57 -20.92 -13.92 32.55
CA LEU D 57 -20.56 -14.29 31.20
C LEU D 57 -21.78 -14.54 30.33
N THR D 58 -21.73 -14.08 29.09
CA THR D 58 -22.79 -14.34 28.14
C THR D 58 -22.28 -15.60 27.42
N GLU D 59 -23.19 -16.32 26.76
CA GLU D 59 -22.87 -17.55 26.07
C GLU D 59 -21.58 -17.62 25.22
N HIS D 60 -21.29 -16.57 24.46
CA HIS D 60 -20.08 -16.60 23.63
C HIS D 60 -19.00 -15.61 24.10
N MET D 61 -19.06 -15.19 25.35
CA MET D 61 -18.10 -14.24 25.88
C MET D 61 -16.72 -14.83 26.12
N THR D 62 -15.72 -14.34 25.39
CA THR D 62 -14.34 -14.81 25.54
C THR D 62 -13.70 -14.24 26.81
N GLN D 63 -12.96 -15.09 27.52
CA GLN D 63 -12.29 -14.68 28.76
C GLN D 63 -10.80 -14.59 28.55
N VAL D 64 -10.10 -13.96 29.48
CA VAL D 64 -8.65 -13.92 29.37
C VAL D 64 -8.18 -14.83 30.49
N GLN D 65 -7.34 -15.80 30.15
CA GLN D 65 -6.82 -16.71 31.15
C GLN D 65 -5.42 -16.29 31.53
N VAL D 66 -5.24 -15.88 32.78
CA VAL D 66 -3.93 -15.48 33.27
C VAL D 66 -3.18 -16.69 33.81
N MET D 67 -2.03 -17.00 33.23
CA MET D 67 -1.25 -18.12 33.69
C MET D 67 0.15 -17.71 34.09
N ALA D 68 0.58 -18.19 35.26
CA ALA D 68 1.89 -17.90 35.82
C ALA D 68 2.52 -19.20 36.35
N PRO D 69 3.86 -19.28 36.32
CA PRO D 69 4.54 -20.48 36.79
C PRO D 69 4.52 -20.65 38.31
N LEU D 70 4.44 -21.89 38.76
CA LEU D 70 4.44 -22.18 40.19
C LEU D 70 5.89 -22.51 40.55
N ASN D 71 6.54 -23.31 39.72
CA ASN D 71 7.94 -23.65 39.93
C ASN D 71 8.68 -23.26 38.66
N ASP D 72 9.99 -23.08 38.75
CA ASP D 72 10.79 -22.70 37.60
C ASP D 72 11.00 -23.88 36.67
N GLU D 73 10.19 -24.92 36.85
CA GLU D 73 10.30 -26.13 36.03
C GLU D 73 9.06 -26.37 35.16
N SER D 74 8.07 -25.49 35.24
CA SER D 74 6.85 -25.64 34.46
C SER D 74 7.03 -25.12 33.03
N THR D 75 6.19 -25.61 32.11
CA THR D 75 6.27 -25.19 30.72
C THR D 75 6.01 -23.68 30.59
N VAL D 76 5.29 -23.13 31.56
CA VAL D 76 4.98 -21.70 31.57
C VAL D 76 6.27 -20.95 31.89
N ALA D 77 7.05 -21.49 32.82
CA ALA D 77 8.30 -20.88 33.22
C ALA D 77 9.27 -20.90 32.04
N LYS D 78 9.28 -22.01 31.30
CA LYS D 78 10.14 -22.19 30.14
C LYS D 78 9.75 -21.22 29.03
N TRP D 79 8.46 -21.09 28.78
CA TRP D 79 7.99 -20.18 27.75
C TRP D 79 8.45 -18.79 28.16
N LEU D 80 8.27 -18.44 29.44
CA LEU D 80 8.67 -17.12 29.92
C LEU D 80 10.17 -16.89 29.77
N ALA D 81 10.96 -17.91 30.09
CA ALA D 81 12.40 -17.82 29.98
C ALA D 81 12.78 -17.67 28.51
N LYS D 82 12.08 -18.41 27.65
CA LYS D 82 12.34 -18.36 26.22
C LYS D 82 12.01 -16.99 25.65
N HIS D 83 11.34 -16.15 26.44
CA HIS D 83 10.98 -14.81 25.97
C HIS D 83 11.61 -13.70 26.81
N ASN D 84 12.75 -14.01 27.42
CA ASN D 84 13.48 -13.05 28.24
C ASN D 84 12.65 -12.57 29.41
N GLY D 85 11.68 -13.40 29.82
CA GLY D 85 10.85 -13.04 30.95
C GLY D 85 9.76 -12.02 30.71
N ARG D 86 9.53 -11.65 29.46
CA ARG D 86 8.47 -10.69 29.13
C ARG D 86 7.13 -11.41 29.09
N ALA D 87 6.14 -10.90 29.81
CA ALA D 87 4.82 -11.51 29.83
C ALA D 87 4.18 -11.20 28.47
N GLY D 88 3.31 -12.09 27.99
CA GLY D 88 2.67 -11.84 26.71
C GLY D 88 1.65 -12.87 26.29
N LEU D 89 0.96 -12.59 25.19
CA LEU D 89 -0.05 -13.51 24.68
C LEU D 89 0.61 -14.86 24.50
N HIS D 90 0.00 -15.89 25.08
CA HIS D 90 0.56 -17.24 25.00
C HIS D 90 -0.14 -18.10 23.96
N HIS D 91 -1.47 -18.12 24.01
CA HIS D 91 -2.23 -18.89 23.02
C HIS D 91 -3.71 -18.60 23.03
N MET D 92 -4.36 -19.13 22.03
CA MET D 92 -5.78 -18.98 21.81
C MET D 92 -6.46 -20.33 22.09
N ALA D 93 -7.63 -20.29 22.73
CA ALA D 93 -8.38 -21.50 23.03
C ALA D 93 -9.77 -21.40 22.40
N TRP D 94 -10.17 -22.44 21.69
CA TRP D 94 -11.46 -22.48 21.01
C TRP D 94 -12.39 -23.52 21.63
N ARG D 95 -13.60 -23.10 22.00
CA ARG D 95 -14.57 -23.98 22.61
C ARG D 95 -15.30 -24.84 21.58
N VAL D 96 -15.47 -26.11 21.90
CA VAL D 96 -16.14 -27.04 21.02
C VAL D 96 -17.21 -27.77 21.82
N ASP D 97 -18.28 -28.18 21.15
CA ASP D 97 -19.34 -28.91 21.84
C ASP D 97 -18.93 -30.36 22.07
N ASP D 98 -18.23 -30.96 21.11
CA ASP D 98 -17.79 -32.35 21.21
C ASP D 98 -16.32 -32.45 20.80
N ILE D 99 -15.41 -32.50 21.78
CA ILE D 99 -14.00 -32.54 21.42
C ILE D 99 -13.56 -33.78 20.65
N ASP D 100 -14.22 -34.92 20.88
CA ASP D 100 -13.83 -36.13 20.17
C ASP D 100 -14.25 -36.04 18.70
N ALA D 101 -15.43 -35.50 18.45
CA ALA D 101 -15.94 -35.36 17.09
C ALA D 101 -15.15 -34.32 16.31
N VAL D 102 -14.92 -33.16 16.92
CA VAL D 102 -14.17 -32.11 16.26
C VAL D 102 -12.75 -32.58 15.99
N SER D 103 -12.15 -33.27 16.96
CA SER D 103 -10.79 -33.78 16.81
C SER D 103 -10.72 -34.78 15.66
N ALA D 104 -11.72 -35.64 15.57
CA ALA D 104 -11.76 -36.65 14.52
C ALA D 104 -11.76 -35.95 13.17
N THR D 105 -12.62 -34.95 13.03
CA THR D 105 -12.71 -34.21 11.79
C THR D 105 -11.38 -33.52 11.46
N LEU D 106 -10.75 -32.91 12.46
CA LEU D 106 -9.48 -32.22 12.25
C LEU D 106 -8.37 -33.19 11.82
N ARG D 107 -8.26 -34.33 12.50
CA ARG D 107 -7.24 -35.28 12.15
C ARG D 107 -7.45 -35.73 10.70
N GLU D 108 -8.71 -35.89 10.31
CA GLU D 108 -9.07 -36.31 8.97
C GLU D 108 -8.62 -35.28 7.92
N ARG D 109 -8.80 -34.00 8.24
CA ARG D 109 -8.43 -32.92 7.35
C ARG D 109 -6.93 -32.74 7.31
N GLY D 110 -6.20 -33.55 8.08
CA GLY D 110 -4.76 -33.44 8.07
C GLY D 110 -4.13 -32.71 9.24
N VAL D 111 -4.95 -32.23 10.17
CA VAL D 111 -4.43 -31.51 11.34
C VAL D 111 -3.76 -32.49 12.31
N GLN D 112 -2.70 -32.02 12.95
CA GLN D 112 -1.96 -32.80 13.92
C GLN D 112 -2.31 -32.25 15.30
N LEU D 113 -2.47 -33.14 16.27
CA LEU D 113 -2.81 -32.70 17.63
C LEU D 113 -1.74 -33.14 18.61
N LEU D 114 -1.56 -32.35 19.66
CA LEU D 114 -0.55 -32.62 20.67
C LEU D 114 -0.76 -33.96 21.37
N TYR D 115 -1.91 -34.13 22.02
CA TYR D 115 -2.22 -35.36 22.73
C TYR D 115 -3.03 -36.29 21.82
N ASP D 116 -2.91 -37.59 22.04
CA ASP D 116 -3.63 -38.56 21.23
C ASP D 116 -5.09 -38.65 21.68
N GLU D 117 -5.31 -38.29 22.94
CA GLU D 117 -6.64 -38.31 23.53
C GLU D 117 -6.77 -37.05 24.36
N PRO D 118 -7.99 -36.50 24.49
CA PRO D 118 -8.18 -35.29 25.27
C PRO D 118 -7.67 -35.44 26.70
N LYS D 119 -7.10 -34.37 27.23
CA LYS D 119 -6.57 -34.36 28.60
C LYS D 119 -7.50 -33.51 29.44
N LEU D 120 -7.49 -33.75 30.74
CA LEU D 120 -8.31 -32.97 31.66
C LEU D 120 -7.58 -31.65 31.85
N GLY D 121 -8.30 -30.54 31.69
CA GLY D 121 -7.69 -29.23 31.86
C GLY D 121 -8.23 -28.63 33.14
N THR D 122 -8.24 -27.29 33.23
CA THR D 122 -8.76 -26.65 34.42
C THR D 122 -10.28 -26.59 34.37
N GLY D 123 -10.91 -26.45 35.54
CA GLY D 123 -12.36 -26.38 35.60
C GLY D 123 -13.12 -27.57 35.05
N GLY D 124 -12.42 -28.69 34.83
CA GLY D 124 -13.08 -29.88 34.32
C GLY D 124 -13.09 -29.99 32.80
N ASN D 125 -12.50 -29.03 32.11
CA ASN D 125 -12.47 -29.05 30.65
C ASN D 125 -11.66 -30.19 30.04
N ARG D 126 -12.07 -30.64 28.86
CA ARG D 126 -11.35 -31.69 28.14
C ARG D 126 -10.62 -30.91 27.06
N ILE D 127 -9.30 -31.03 27.01
CA ILE D 127 -8.51 -30.27 26.04
C ILE D 127 -7.49 -31.02 25.20
N ASN D 128 -7.07 -30.36 24.10
CA ASN D 128 -6.05 -30.85 23.17
C ASN D 128 -5.50 -29.61 22.47
N PHE D 129 -4.45 -29.77 21.67
CA PHE D 129 -3.88 -28.63 20.97
C PHE D 129 -3.60 -28.92 19.51
N MET D 130 -3.84 -27.92 18.66
CA MET D 130 -3.59 -28.08 17.22
C MET D 130 -2.18 -27.64 16.89
N HIS D 131 -1.28 -28.61 16.79
CA HIS D 131 0.13 -28.37 16.49
C HIS D 131 0.37 -27.06 15.77
N PRO D 132 1.28 -26.22 16.30
CA PRO D 132 1.63 -24.92 15.73
C PRO D 132 1.61 -24.88 14.20
N LYS D 133 2.16 -25.90 13.57
CA LYS D 133 2.17 -25.96 12.10
C LYS D 133 0.74 -26.07 11.61
N SER D 134 -0.11 -26.64 12.46
CA SER D 134 -1.53 -26.82 12.17
C SER D 134 -2.31 -25.62 12.72
N GLY D 135 -1.59 -24.77 13.46
CA GLY D 135 -2.18 -23.57 14.02
C GLY D 135 -1.53 -22.37 13.33
N LYS D 136 -0.71 -22.68 12.34
CA LYS D 136 0.02 -21.67 11.56
C LYS D 136 0.82 -20.64 12.35
N GLY D 137 1.75 -21.12 13.16
CA GLY D 137 2.58 -20.20 13.95
C GLY D 137 2.02 -19.94 15.33
N VAL D 138 0.71 -20.12 15.51
CA VAL D 138 0.09 -19.90 16.80
C VAL D 138 -0.35 -21.23 17.40
N LEU D 139 -0.27 -21.32 18.73
CA LEU D 139 -0.70 -22.53 19.42
C LEU D 139 -2.20 -22.41 19.58
N ILE D 140 -2.96 -23.39 19.11
CA ILE D 140 -4.39 -23.29 19.28
C ILE D 140 -4.98 -24.45 20.05
N GLU D 141 -5.53 -24.13 21.20
CA GLU D 141 -6.13 -25.11 22.09
C GLU D 141 -7.59 -25.37 21.74
N LEU D 142 -8.02 -26.61 21.93
CA LEU D 142 -9.39 -27.01 21.70
C LEU D 142 -9.89 -27.25 23.10
N THR D 143 -11.04 -26.72 23.47
CA THR D 143 -11.54 -26.97 24.82
C THR D 143 -13.04 -27.21 24.83
N GLN D 144 -13.42 -28.27 25.54
CA GLN D 144 -14.82 -28.63 25.69
C GLN D 144 -15.14 -28.56 27.17
N TYR D 145 -16.29 -27.98 27.50
CA TYR D 145 -16.72 -27.87 28.88
C TYR D 145 -17.10 -29.27 29.39
N PRO D 146 -16.91 -29.53 30.69
CA PRO D 146 -17.27 -30.85 31.22
C PRO D 146 -18.74 -31.18 30.98
N LYS D 147 -19.04 -32.45 30.76
CA LYS D 147 -20.41 -32.89 30.52
C LYS D 147 -21.16 -33.14 31.82
N ASN D 148 -22.44 -32.77 31.86
CA ASN D 148 -23.25 -32.96 33.04
C ASN D 148 -24.69 -33.28 32.70
N GLU E 4 3.89 11.71 -13.07
CA GLU E 4 3.06 12.60 -12.21
C GLU E 4 1.58 12.52 -12.59
N ASP E 5 0.74 13.22 -11.83
CA ASP E 5 -0.71 13.23 -12.08
C ASP E 5 -1.11 13.90 -13.37
N LEU E 6 -1.82 13.16 -14.22
CA LEU E 6 -2.29 13.68 -15.49
C LEU E 6 -3.60 14.43 -15.32
N PHE E 7 -4.34 14.12 -14.26
CA PHE E 7 -5.63 14.77 -14.05
C PHE E 7 -5.77 15.56 -12.77
N ILE E 8 -6.42 16.72 -12.90
CA ILE E 8 -6.64 17.62 -11.79
C ILE E 8 -7.76 17.12 -10.89
N CYS E 9 -8.87 16.71 -11.52
CA CYS E 9 -10.04 16.23 -10.79
C CYS E 9 -11.07 15.83 -11.85
N ILE E 10 -12.18 15.26 -11.41
CA ILE E 10 -13.25 14.94 -12.34
C ILE E 10 -13.93 16.30 -12.56
N ASP E 11 -13.95 16.77 -13.80
CA ASP E 11 -14.54 18.06 -14.07
C ASP E 11 -16.05 18.06 -13.95
N HIS E 12 -16.66 17.03 -14.52
CA HIS E 12 -18.09 16.89 -14.46
C HIS E 12 -18.57 15.50 -14.88
N VAL E 13 -19.77 15.18 -14.43
CA VAL E 13 -20.42 13.93 -14.77
C VAL E 13 -21.56 14.42 -15.66
N ALA E 14 -21.70 13.82 -16.83
CA ALA E 14 -22.74 14.21 -17.78
C ALA E 14 -24.01 13.41 -17.59
N TYR E 15 -25.14 14.11 -17.56
CA TYR E 15 -26.44 13.50 -17.39
C TYR E 15 -27.32 13.81 -18.59
N ALA E 16 -27.59 12.80 -19.41
CA ALA E 16 -28.43 12.98 -20.58
C ALA E 16 -29.88 12.78 -20.24
N CYS E 17 -30.74 13.67 -20.72
CA CYS E 17 -32.18 13.60 -20.46
C CYS E 17 -32.97 14.31 -21.57
N PRO E 18 -34.30 14.11 -21.61
CA PRO E 18 -35.18 14.71 -22.61
C PRO E 18 -35.31 16.23 -22.51
N ASP E 19 -35.32 16.75 -21.29
CA ASP E 19 -35.48 18.18 -21.09
C ASP E 19 -34.47 18.74 -20.09
N ALA E 20 -33.50 19.50 -20.58
CA ALA E 20 -32.46 20.07 -19.71
C ALA E 20 -33.04 21.06 -18.71
N ASP E 21 -33.96 21.92 -19.16
CA ASP E 21 -34.57 22.89 -18.25
C ASP E 21 -35.36 22.21 -17.16
N GLU E 22 -36.04 21.11 -17.49
CA GLU E 22 -36.83 20.37 -16.52
C GLU E 22 -35.89 19.76 -15.48
N ALA E 23 -34.77 19.21 -15.95
CA ALA E 23 -33.79 18.60 -15.06
C ALA E 23 -33.17 19.66 -14.16
N SER E 24 -32.83 20.81 -14.73
CA SER E 24 -32.22 21.90 -13.96
C SER E 24 -33.15 22.46 -12.88
N LYS E 25 -34.43 22.60 -13.21
CA LYS E 25 -35.39 23.12 -12.25
C LYS E 25 -35.50 22.14 -11.08
N TYR E 26 -35.47 20.85 -11.40
CA TYR E 26 -35.58 19.81 -10.38
C TYR E 26 -34.37 19.84 -9.46
N TYR E 27 -33.17 19.88 -10.04
CA TYR E 27 -31.94 19.93 -9.28
C TYR E 27 -31.92 21.11 -8.32
N GLN E 28 -32.55 22.21 -8.72
CA GLN E 28 -32.59 23.41 -7.90
C GLN E 28 -33.64 23.33 -6.81
N GLU E 29 -34.87 23.12 -7.22
CA GLU E 29 -35.98 23.05 -6.29
C GLU E 29 -35.91 21.87 -5.34
N THR E 30 -35.72 20.67 -5.87
CA THR E 30 -35.66 19.48 -5.02
C THR E 30 -34.32 19.25 -4.31
N PHE E 31 -33.21 19.31 -5.04
CA PHE E 31 -31.89 19.08 -4.44
C PHE E 31 -31.15 20.32 -3.94
N GLY E 32 -31.62 21.49 -4.33
CA GLY E 32 -30.95 22.70 -3.89
C GLY E 32 -29.60 22.91 -4.55
N TRP E 33 -29.42 22.35 -5.74
CA TRP E 33 -28.17 22.53 -6.49
C TRP E 33 -28.24 23.90 -7.16
N HIS E 34 -27.20 24.28 -7.89
CA HIS E 34 -27.16 25.60 -8.52
C HIS E 34 -26.80 25.58 -10.01
N GLU E 35 -27.57 26.29 -10.82
CA GLU E 35 -27.28 26.37 -12.25
C GLU E 35 -26.26 27.49 -12.43
N LEU E 36 -25.10 27.14 -12.96
CA LEU E 36 -24.04 28.12 -13.17
C LEU E 36 -23.87 28.55 -14.61
N HIS E 37 -24.29 27.73 -15.57
CA HIS E 37 -24.10 28.08 -16.97
C HIS E 37 -25.02 27.29 -17.89
N ARG E 38 -25.43 27.91 -19.00
CA ARG E 38 -26.32 27.28 -19.97
C ARG E 38 -25.84 27.59 -21.39
N GLU E 39 -25.76 26.56 -22.23
CA GLU E 39 -25.30 26.73 -23.60
C GLU E 39 -26.12 25.92 -24.58
N GLU E 40 -26.16 26.40 -25.83
CA GLU E 40 -26.91 25.74 -26.88
C GLU E 40 -26.08 25.74 -28.16
N ASN E 41 -25.73 24.56 -28.64
CA ASN E 41 -24.95 24.41 -29.87
C ASN E 41 -25.88 23.87 -30.96
N PRO E 42 -26.38 24.74 -31.85
CA PRO E 42 -27.29 24.32 -32.93
C PRO E 42 -26.67 23.22 -33.80
N GLU E 43 -25.40 23.38 -34.11
CA GLU E 43 -24.69 22.39 -34.90
C GLU E 43 -24.96 21.01 -34.31
N GLN E 44 -24.43 20.79 -33.10
CA GLN E 44 -24.61 19.52 -32.40
C GLN E 44 -26.07 19.27 -31.98
N GLY E 45 -26.87 20.33 -31.93
CA GLY E 45 -28.26 20.17 -31.54
C GLY E 45 -28.35 19.68 -30.11
N VAL E 46 -27.62 20.37 -29.23
CA VAL E 46 -27.58 20.01 -27.82
C VAL E 46 -27.67 21.21 -26.88
N VAL E 47 -28.46 21.05 -25.83
CA VAL E 47 -28.57 22.10 -24.84
C VAL E 47 -27.86 21.55 -23.63
N GLU E 48 -26.94 22.33 -23.08
CA GLU E 48 -26.17 21.90 -21.95
C GLU E 48 -26.26 22.89 -20.80
N ILE E 49 -26.42 22.37 -19.59
CA ILE E 49 -26.50 23.21 -18.40
C ILE E 49 -25.57 22.63 -17.35
N MET E 50 -24.79 23.50 -16.72
CA MET E 50 -23.83 23.09 -15.69
C MET E 50 -24.41 23.34 -14.30
N MET E 51 -24.51 22.28 -13.50
CA MET E 51 -25.04 22.38 -12.14
C MET E 51 -23.93 22.13 -11.13
N ALA E 52 -24.00 22.80 -9.98
CA ALA E 52 -22.99 22.60 -8.93
C ALA E 52 -23.72 22.46 -7.60
N PRO E 53 -23.11 21.77 -6.62
CA PRO E 53 -23.74 21.59 -5.31
C PRO E 53 -23.72 22.88 -4.49
N ALA E 54 -22.83 23.80 -4.87
CA ALA E 54 -22.69 25.10 -4.21
C ALA E 54 -22.81 26.19 -5.27
N ALA E 55 -23.07 27.42 -4.85
CA ALA E 55 -23.20 28.53 -5.77
C ALA E 55 -21.83 28.97 -6.30
N LYS E 56 -20.78 28.74 -5.51
CA LYS E 56 -19.42 29.08 -5.91
C LYS E 56 -18.59 27.80 -6.03
N LEU E 57 -17.94 27.60 -7.17
CA LEU E 57 -17.13 26.40 -7.34
C LEU E 57 -15.83 26.49 -6.58
N THR E 58 -15.43 25.37 -5.98
CA THR E 58 -14.16 25.34 -5.27
C THR E 58 -13.21 24.70 -6.28
N GLU E 59 -11.93 24.97 -6.12
CA GLU E 59 -10.88 24.46 -7.02
C GLU E 59 -11.19 23.13 -7.73
N HIS E 60 -11.46 22.09 -6.95
CA HIS E 60 -11.71 20.78 -7.54
C HIS E 60 -13.16 20.28 -7.44
N MET E 61 -14.12 21.20 -7.39
CA MET E 61 -15.52 20.78 -7.28
C MET E 61 -16.09 20.27 -8.60
N THR E 62 -16.56 19.03 -8.57
CA THR E 62 -17.12 18.39 -9.75
C THR E 62 -18.56 18.83 -9.98
N GLN E 63 -18.90 19.12 -11.23
CA GLN E 63 -20.24 19.55 -11.59
C GLN E 63 -21.01 18.46 -12.34
N VAL E 64 -22.32 18.65 -12.45
CA VAL E 64 -23.15 17.71 -13.19
C VAL E 64 -23.58 18.45 -14.45
N GLN E 65 -23.26 17.89 -15.61
CA GLN E 65 -23.62 18.54 -16.86
C GLN E 65 -24.89 17.94 -17.39
N VAL E 66 -25.94 18.75 -17.47
CA VAL E 66 -27.22 18.28 -17.99
C VAL E 66 -27.26 18.44 -19.51
N MET E 67 -27.43 17.33 -20.22
CA MET E 67 -27.48 17.36 -21.68
C MET E 67 -28.86 16.94 -22.16
N ALA E 68 -29.39 17.68 -23.14
CA ALA E 68 -30.70 17.40 -23.71
C ALA E 68 -30.66 17.70 -25.21
N PRO E 69 -31.54 17.04 -26.01
CA PRO E 69 -31.59 17.25 -27.46
C PRO E 69 -32.37 18.48 -27.92
N LEU E 70 -32.08 18.93 -29.13
CA LEU E 70 -32.78 20.07 -29.72
C LEU E 70 -33.47 19.58 -30.98
N ASN E 71 -33.20 18.33 -31.33
CA ASN E 71 -33.80 17.70 -32.49
C ASN E 71 -33.39 16.24 -32.57
N ASP E 72 -34.24 15.43 -33.18
CA ASP E 72 -34.02 13.99 -33.34
C ASP E 72 -32.68 13.63 -33.94
N GLU E 73 -32.04 14.60 -34.59
CA GLU E 73 -30.76 14.36 -35.24
C GLU E 73 -29.56 14.34 -34.31
N SER E 74 -29.60 15.17 -33.26
CA SER E 74 -28.48 15.27 -32.33
C SER E 74 -28.00 13.91 -31.83
N THR E 75 -26.79 13.90 -31.28
CA THR E 75 -26.21 12.68 -30.75
C THR E 75 -26.89 12.29 -29.45
N VAL E 76 -27.34 13.29 -28.70
CA VAL E 76 -28.01 13.03 -27.42
C VAL E 76 -29.32 12.31 -27.71
N ALA E 77 -30.06 12.79 -28.70
CA ALA E 77 -31.34 12.20 -29.08
C ALA E 77 -31.16 10.72 -29.39
N LYS E 78 -30.23 10.41 -30.29
CA LYS E 78 -29.97 9.02 -30.66
C LYS E 78 -29.56 8.21 -29.44
N TRP E 79 -28.81 8.84 -28.53
CA TRP E 79 -28.37 8.18 -27.31
C TRP E 79 -29.60 7.86 -26.44
N LEU E 80 -30.48 8.84 -26.29
CA LEU E 80 -31.67 8.64 -25.48
C LEU E 80 -32.55 7.55 -26.08
N ALA E 81 -32.81 7.65 -27.38
CA ALA E 81 -33.62 6.64 -28.06
C ALA E 81 -33.01 5.25 -27.90
N LYS E 82 -31.68 5.19 -27.90
CA LYS E 82 -30.97 3.92 -27.74
C LYS E 82 -31.26 3.28 -26.39
N HIS E 83 -31.58 4.09 -25.40
CA HIS E 83 -31.89 3.58 -24.07
C HIS E 83 -33.39 3.65 -23.80
N ASN E 84 -34.19 3.57 -24.86
CA ASN E 84 -35.65 3.60 -24.73
C ASN E 84 -36.17 4.91 -24.13
N GLY E 85 -35.50 6.01 -24.42
CA GLY E 85 -35.93 7.29 -23.91
C GLY E 85 -35.73 7.47 -22.42
N ARG E 86 -34.86 6.64 -21.84
CA ARG E 86 -34.58 6.71 -20.41
C ARG E 86 -33.36 7.60 -20.14
N ALA E 87 -33.55 8.66 -19.37
CA ALA E 87 -32.45 9.55 -19.04
C ALA E 87 -31.44 8.83 -18.15
N GLY E 88 -30.18 9.29 -18.14
CA GLY E 88 -29.19 8.65 -17.31
C GLY E 88 -27.77 9.14 -17.48
N LEU E 89 -26.86 8.60 -16.67
CA LEU E 89 -25.46 8.97 -16.72
C LEU E 89 -24.94 8.67 -18.11
N HIS E 90 -24.32 9.68 -18.72
CA HIS E 90 -23.81 9.56 -20.08
C HIS E 90 -22.31 9.30 -20.10
N HIS E 91 -21.51 10.23 -19.56
CA HIS E 91 -20.06 10.04 -19.51
C HIS E 91 -19.41 10.88 -18.42
N MET E 92 -18.12 10.62 -18.19
CA MET E 92 -17.31 11.33 -17.20
C MET E 92 -16.32 12.22 -17.94
N ALA E 93 -16.05 13.39 -17.36
CA ALA E 93 -15.09 14.31 -17.96
C ALA E 93 -13.99 14.58 -16.92
N TRP E 94 -12.74 14.37 -17.31
CA TRP E 94 -11.60 14.60 -16.41
C TRP E 94 -10.84 15.86 -16.84
N ARG E 95 -10.69 16.79 -15.91
CA ARG E 95 -10.02 18.05 -16.21
C ARG E 95 -8.50 17.91 -16.22
N VAL E 96 -7.86 18.46 -17.26
CA VAL E 96 -6.40 18.41 -17.39
C VAL E 96 -5.84 19.82 -17.51
N ASP E 97 -4.57 19.99 -17.15
CA ASP E 97 -3.95 21.30 -17.23
C ASP E 97 -3.51 21.65 -18.65
N ASP E 98 -2.87 20.68 -19.30
CA ASP E 98 -2.37 20.83 -20.66
C ASP E 98 -2.88 19.65 -21.48
N ILE E 99 -3.98 19.84 -22.20
CA ILE E 99 -4.56 18.76 -22.99
C ILE E 99 -3.61 18.20 -24.03
N ASP E 100 -2.79 19.06 -24.62
CA ASP E 100 -1.82 18.61 -25.62
C ASP E 100 -0.85 17.61 -24.97
N ALA E 101 -0.22 18.03 -23.87
CA ALA E 101 0.73 17.17 -23.17
C ALA E 101 0.10 15.87 -22.67
N VAL E 102 -1.05 15.99 -22.02
CA VAL E 102 -1.73 14.80 -21.50
C VAL E 102 -2.10 13.87 -22.62
N SER E 103 -2.55 14.42 -23.74
CA SER E 103 -2.92 13.58 -24.87
C SER E 103 -1.69 12.84 -25.39
N ALA E 104 -0.55 13.52 -25.42
CA ALA E 104 0.68 12.89 -25.90
C ALA E 104 0.97 11.68 -25.03
N THR E 105 1.08 11.93 -23.72
CA THR E 105 1.37 10.89 -22.74
C THR E 105 0.47 9.66 -22.87
N LEU E 106 -0.84 9.88 -22.92
CA LEU E 106 -1.80 8.77 -23.03
C LEU E 106 -1.60 7.97 -24.32
N ARG E 107 -1.29 8.67 -25.41
CA ARG E 107 -1.07 8.00 -26.69
C ARG E 107 0.13 7.07 -26.59
N GLU E 108 1.11 7.46 -25.79
CA GLU E 108 2.30 6.63 -25.61
C GLU E 108 1.87 5.38 -24.84
N ARG E 109 1.09 5.60 -23.78
CA ARG E 109 0.60 4.54 -22.92
C ARG E 109 -0.29 3.57 -23.68
N GLY E 110 -0.63 3.91 -24.91
CA GLY E 110 -1.48 3.02 -25.70
C GLY E 110 -2.93 3.44 -25.75
N VAL E 111 -3.21 4.66 -25.32
CA VAL E 111 -4.58 5.15 -25.34
C VAL E 111 -4.89 5.72 -26.73
N GLN E 112 -6.12 5.50 -27.19
CA GLN E 112 -6.57 6.01 -28.47
C GLN E 112 -7.65 7.06 -28.22
N LEU E 113 -7.45 8.24 -28.78
CA LEU E 113 -8.39 9.35 -28.61
C LEU E 113 -9.35 9.49 -29.78
N LEU E 114 -10.49 10.13 -29.54
CA LEU E 114 -11.50 10.31 -30.57
C LEU E 114 -10.99 11.25 -31.66
N TYR E 115 -10.72 12.49 -31.28
CA TYR E 115 -10.24 13.49 -32.21
C TYR E 115 -8.71 13.49 -32.28
N ASP E 116 -8.18 13.77 -33.47
CA ASP E 116 -6.74 13.82 -33.68
C ASP E 116 -6.18 15.02 -32.92
N GLU E 117 -6.96 16.10 -32.91
CA GLU E 117 -6.56 17.32 -32.22
C GLU E 117 -7.69 17.75 -31.28
N PRO E 118 -7.35 18.53 -30.25
CA PRO E 118 -8.37 19.00 -29.29
C PRO E 118 -9.41 19.84 -30.01
N LYS E 119 -10.68 19.59 -29.71
CA LYS E 119 -11.78 20.34 -30.31
C LYS E 119 -12.37 21.32 -29.32
N LEU E 120 -12.99 22.36 -29.85
CA LEU E 120 -13.62 23.39 -29.04
C LEU E 120 -14.76 22.75 -28.28
N GLY E 121 -14.88 23.07 -27.01
CA GLY E 121 -15.96 22.51 -26.21
C GLY E 121 -16.79 23.65 -25.69
N THR E 122 -17.63 23.37 -24.68
CA THR E 122 -18.46 24.40 -24.10
C THR E 122 -17.67 25.28 -23.14
N GLY E 123 -18.06 26.54 -23.04
CA GLY E 123 -17.39 27.46 -22.14
C GLY E 123 -15.94 27.79 -22.49
N GLY E 124 -15.48 27.33 -23.65
CA GLY E 124 -14.11 27.62 -24.06
C GLY E 124 -13.13 26.47 -23.81
N ASN E 125 -13.62 25.37 -23.24
CA ASN E 125 -12.76 24.23 -22.95
C ASN E 125 -12.23 23.55 -24.21
N ARG E 126 -10.99 23.07 -24.13
CA ARG E 126 -10.40 22.32 -25.22
C ARG E 126 -10.66 20.90 -24.76
N ILE E 127 -11.35 20.11 -25.58
CA ILE E 127 -11.72 18.76 -25.18
C ILE E 127 -11.35 17.67 -26.17
N ASN E 128 -11.44 16.43 -25.69
CA ASN E 128 -11.19 15.23 -26.49
C ASN E 128 -11.79 14.05 -25.72
N PHE E 129 -11.78 12.86 -26.33
CA PHE E 129 -12.35 11.67 -25.68
C PHE E 129 -11.45 10.44 -25.72
N MET E 130 -11.33 9.76 -24.58
CA MET E 130 -10.53 8.55 -24.49
C MET E 130 -11.37 7.36 -24.92
N HIS E 131 -11.26 6.99 -26.18
CA HIS E 131 -11.99 5.86 -26.76
C HIS E 131 -12.59 4.92 -25.73
N PRO E 132 -13.91 4.68 -25.81
CA PRO E 132 -14.60 3.79 -24.86
C PRO E 132 -13.75 2.59 -24.48
N LYS E 133 -13.17 1.93 -25.49
CA LYS E 133 -12.32 0.77 -25.26
C LYS E 133 -11.18 1.16 -24.32
N SER E 134 -10.68 2.37 -24.48
CA SER E 134 -9.60 2.89 -23.67
C SER E 134 -10.10 3.47 -22.34
N GLY E 135 -11.40 3.38 -22.13
CA GLY E 135 -11.99 3.90 -20.91
C GLY E 135 -12.64 2.77 -20.12
N LYS E 136 -12.55 1.56 -20.68
CA LYS E 136 -13.12 0.36 -20.05
C LYS E 136 -14.63 0.48 -19.82
N GLY E 137 -15.39 0.40 -20.91
CA GLY E 137 -16.84 0.49 -20.82
C GLY E 137 -17.40 1.88 -20.58
N VAL E 138 -16.52 2.84 -20.29
CA VAL E 138 -16.96 4.22 -20.05
C VAL E 138 -16.42 5.18 -21.11
N LEU E 139 -17.19 6.20 -21.43
CA LEU E 139 -16.74 7.20 -22.37
C LEU E 139 -16.09 8.24 -21.48
N ILE E 140 -14.79 8.44 -21.63
CA ILE E 140 -14.13 9.42 -20.77
C ILE E 140 -13.61 10.60 -21.55
N GLU E 141 -14.05 11.78 -21.14
CA GLU E 141 -13.65 13.01 -21.79
C GLU E 141 -12.50 13.72 -21.10
N LEU E 142 -11.60 14.26 -21.91
CA LEU E 142 -10.45 15.04 -21.45
C LEU E 142 -10.92 16.47 -21.63
N THR E 143 -10.79 17.30 -20.60
CA THR E 143 -11.23 18.68 -20.72
C THR E 143 -10.29 19.70 -20.04
N GLN E 144 -9.75 20.61 -20.85
CA GLN E 144 -8.85 21.64 -20.37
C GLN E 144 -9.55 22.98 -20.46
N TYR E 145 -9.47 23.75 -19.38
CA TYR E 145 -10.09 25.07 -19.34
C TYR E 145 -9.30 26.02 -20.21
N PRO E 146 -9.99 27.00 -20.83
CA PRO E 146 -9.35 27.99 -21.70
C PRO E 146 -8.37 28.85 -20.93
N LYS E 147 -7.25 29.15 -21.57
CA LYS E 147 -6.19 29.95 -20.95
C LYS E 147 -6.54 31.44 -20.96
N ASN E 148 -5.96 32.18 -20.01
CA ASN E 148 -6.20 33.61 -19.92
C ASN E 148 -4.97 34.36 -19.43
N GLU F 4 -30.99 26.23 1.79
CA GLU F 4 -29.49 26.23 1.76
C GLU F 4 -29.01 24.97 1.05
N ASP F 5 -27.69 24.81 0.93
CA ASP F 5 -27.11 23.65 0.27
C ASP F 5 -27.25 22.38 1.11
N LEU F 6 -27.91 21.37 0.55
CA LEU F 6 -28.09 20.10 1.22
C LEU F 6 -26.89 19.20 0.92
N PHE F 7 -26.12 19.57 -0.12
CA PHE F 7 -24.99 18.75 -0.54
C PHE F 7 -23.62 19.40 -0.58
N ILE F 8 -22.64 18.65 -0.08
CA ILE F 8 -21.25 19.08 0.00
C ILE F 8 -20.48 19.01 -1.33
N CYS F 9 -20.61 17.88 -2.01
CA CYS F 9 -19.93 17.69 -3.28
C CYS F 9 -20.28 16.28 -3.71
N ILE F 10 -19.89 15.91 -4.91
CA ILE F 10 -20.15 14.55 -5.34
C ILE F 10 -19.06 13.77 -4.66
N ASP F 11 -19.45 12.85 -3.77
CA ASP F 11 -18.46 12.08 -3.07
C ASP F 11 -17.70 11.14 -4.00
N HIS F 12 -18.43 10.40 -4.84
CA HIS F 12 -17.79 9.49 -5.77
C HIS F 12 -18.73 9.07 -6.88
N VAL F 13 -18.15 8.52 -7.95
CA VAL F 13 -18.89 8.01 -9.11
C VAL F 13 -18.59 6.53 -9.10
N ALA F 14 -19.61 5.68 -8.97
CA ALA F 14 -19.37 4.25 -8.95
C ALA F 14 -19.29 3.68 -10.37
N TYR F 15 -18.28 2.86 -10.61
CA TYR F 15 -18.08 2.24 -11.91
C TYR F 15 -18.09 0.75 -11.65
N ALA F 16 -19.06 0.06 -12.25
CA ALA F 16 -19.15 -1.39 -12.06
C ALA F 16 -18.45 -2.05 -13.24
N CYS F 17 -17.70 -3.11 -12.95
CA CYS F 17 -16.97 -3.85 -13.95
C CYS F 17 -16.76 -5.29 -13.48
N PRO F 18 -16.20 -6.15 -14.37
CA PRO F 18 -15.96 -7.54 -14.03
C PRO F 18 -14.87 -7.80 -12.98
N ASP F 19 -13.82 -6.97 -13.00
CA ASP F 19 -12.70 -7.15 -12.08
C ASP F 19 -12.15 -5.81 -11.57
N ALA F 20 -12.41 -5.50 -10.30
CA ALA F 20 -11.95 -4.25 -9.71
C ALA F 20 -10.45 -4.07 -9.73
N ASP F 21 -9.71 -5.13 -9.47
CA ASP F 21 -8.25 -5.01 -9.47
C ASP F 21 -7.72 -4.76 -10.89
N GLU F 22 -8.37 -5.31 -11.90
CA GLU F 22 -7.94 -5.05 -13.26
C GLU F 22 -8.15 -3.57 -13.60
N ALA F 23 -9.28 -3.00 -13.19
CA ALA F 23 -9.57 -1.59 -13.47
C ALA F 23 -8.67 -0.65 -12.68
N SER F 24 -8.35 -1.02 -11.45
CA SER F 24 -7.49 -0.17 -10.63
C SER F 24 -6.08 -0.13 -11.21
N LYS F 25 -5.56 -1.27 -11.64
CA LYS F 25 -4.22 -1.34 -12.23
C LYS F 25 -4.16 -0.42 -13.46
N TYR F 26 -5.19 -0.51 -14.28
CA TYR F 26 -5.26 0.31 -15.49
C TYR F 26 -5.28 1.79 -15.10
N TYR F 27 -6.17 2.16 -14.19
CA TYR F 27 -6.26 3.54 -13.72
C TYR F 27 -4.89 4.01 -13.21
N GLN F 28 -4.18 3.14 -12.49
CA GLN F 28 -2.89 3.51 -11.94
C GLN F 28 -1.79 3.68 -12.98
N GLU F 29 -1.53 2.62 -13.75
CA GLU F 29 -0.48 2.66 -14.74
C GLU F 29 -0.75 3.52 -15.97
N THR F 30 -1.97 3.46 -16.48
CA THR F 30 -2.30 4.24 -17.67
C THR F 30 -2.74 5.67 -17.38
N PHE F 31 -3.72 5.84 -16.49
CA PHE F 31 -4.22 7.17 -16.17
C PHE F 31 -3.47 7.92 -15.08
N GLY F 32 -2.65 7.23 -14.31
CA GLY F 32 -1.93 7.92 -13.25
C GLY F 32 -2.77 8.24 -12.01
N TRP F 33 -3.86 7.52 -11.81
CA TRP F 33 -4.70 7.72 -10.63
C TRP F 33 -4.10 6.93 -9.46
N HIS F 34 -4.69 7.07 -8.28
CA HIS F 34 -4.19 6.39 -7.08
C HIS F 34 -5.24 5.56 -6.37
N GLU F 35 -4.87 4.36 -5.96
CA GLU F 35 -5.78 3.51 -5.21
C GLU F 35 -5.62 3.87 -3.74
N LEU F 36 -6.69 4.39 -3.12
CA LEU F 36 -6.61 4.81 -1.73
C LEU F 36 -7.12 3.79 -0.72
N HIS F 37 -7.94 2.86 -1.16
CA HIS F 37 -8.50 1.88 -0.24
C HIS F 37 -9.21 0.81 -1.06
N ARG F 38 -9.17 -0.43 -0.56
CA ARG F 38 -9.80 -1.58 -1.20
C ARG F 38 -10.58 -2.31 -0.12
N GLU F 39 -11.67 -2.95 -0.50
CA GLU F 39 -12.49 -3.61 0.49
C GLU F 39 -13.38 -4.69 -0.09
N GLU F 40 -13.62 -5.74 0.71
CA GLU F 40 -14.49 -6.83 0.28
C GLU F 40 -15.59 -7.11 1.31
N ASN F 41 -16.84 -7.14 0.85
CA ASN F 41 -17.97 -7.44 1.70
C ASN F 41 -18.60 -8.74 1.18
N PRO F 42 -18.14 -9.90 1.68
CA PRO F 42 -18.66 -11.19 1.24
C PRO F 42 -20.19 -11.32 1.35
N GLU F 43 -20.80 -10.49 2.19
CA GLU F 43 -22.24 -10.51 2.33
C GLU F 43 -22.87 -10.04 1.03
N GLN F 44 -22.62 -8.77 0.70
CA GLN F 44 -23.15 -8.17 -0.52
C GLN F 44 -22.52 -8.76 -1.78
N GLY F 45 -21.43 -9.49 -1.62
CA GLY F 45 -20.76 -10.09 -2.75
C GLY F 45 -20.09 -9.05 -3.63
N VAL F 46 -19.52 -8.04 -3.00
CA VAL F 46 -18.87 -6.96 -3.73
C VAL F 46 -17.46 -6.59 -3.24
N VAL F 47 -16.63 -6.22 -4.20
CA VAL F 47 -15.27 -5.78 -3.94
C VAL F 47 -15.28 -4.34 -4.42
N GLU F 48 -14.91 -3.40 -3.55
CA GLU F 48 -14.90 -1.99 -3.92
C GLU F 48 -13.52 -1.39 -3.78
N ILE F 49 -13.14 -0.55 -4.74
CA ILE F 49 -11.85 0.11 -4.67
C ILE F 49 -12.05 1.61 -4.92
N MET F 50 -11.56 2.43 -3.99
CA MET F 50 -11.67 3.88 -4.09
C MET F 50 -10.43 4.43 -4.81
N MET F 51 -10.65 5.14 -5.89
CA MET F 51 -9.58 5.73 -6.70
C MET F 51 -9.69 7.26 -6.70
N ALA F 52 -8.53 7.93 -6.72
CA ALA F 52 -8.47 9.38 -6.75
C ALA F 52 -7.44 9.84 -7.80
N PRO F 53 -7.61 11.05 -8.35
CA PRO F 53 -6.70 11.59 -9.36
C PRO F 53 -5.39 12.08 -8.72
N ALA F 54 -5.39 12.14 -7.38
CA ALA F 54 -4.22 12.56 -6.62
C ALA F 54 -4.02 11.60 -5.46
N ALA F 55 -2.82 11.58 -4.90
CA ALA F 55 -2.49 10.71 -3.78
C ALA F 55 -3.22 11.14 -2.51
N LYS F 56 -3.44 12.44 -2.37
CA LYS F 56 -4.12 12.98 -1.21
C LYS F 56 -5.37 13.67 -1.70
N LEU F 57 -6.47 13.46 -0.98
CA LEU F 57 -7.74 14.04 -1.34
C LEU F 57 -7.89 15.49 -0.88
N THR F 58 -8.37 16.37 -1.74
CA THR F 58 -8.62 17.74 -1.33
C THR F 58 -10.00 17.62 -0.69
N GLU F 59 -10.45 18.67 -0.02
CA GLU F 59 -11.75 18.63 0.65
C GLU F 59 -12.94 18.19 -0.21
N HIS F 60 -13.09 18.78 -1.39
CA HIS F 60 -14.22 18.41 -2.24
C HIS F 60 -13.82 17.56 -3.43
N MET F 61 -12.69 16.87 -3.33
CA MET F 61 -12.26 16.03 -4.45
C MET F 61 -13.09 14.75 -4.59
N THR F 62 -13.74 14.60 -5.73
CA THR F 62 -14.56 13.43 -6.03
C THR F 62 -13.69 12.22 -6.37
N GLN F 63 -14.08 11.04 -5.89
CA GLN F 63 -13.31 9.83 -6.17
C GLN F 63 -14.10 8.93 -7.09
N VAL F 64 -13.43 7.91 -7.64
CA VAL F 64 -14.12 6.96 -8.48
C VAL F 64 -14.15 5.64 -7.72
N GLN F 65 -15.34 5.09 -7.50
CA GLN F 65 -15.44 3.82 -6.79
C GLN F 65 -15.67 2.69 -7.78
N VAL F 66 -14.66 1.85 -7.96
CA VAL F 66 -14.77 0.71 -8.85
C VAL F 66 -15.45 -0.45 -8.13
N MET F 67 -16.53 -0.97 -8.70
CA MET F 67 -17.26 -2.07 -8.11
C MET F 67 -17.22 -3.31 -8.99
N ALA F 68 -16.98 -4.47 -8.38
CA ALA F 68 -16.93 -5.73 -9.12
C ALA F 68 -17.56 -6.83 -8.27
N PRO F 69 -18.14 -7.85 -8.92
CA PRO F 69 -18.76 -8.94 -8.18
C PRO F 69 -17.76 -9.94 -7.63
N LEU F 70 -18.10 -10.52 -6.48
CA LEU F 70 -17.30 -11.53 -5.81
C LEU F 70 -17.89 -12.88 -6.23
N ASN F 71 -19.19 -12.87 -6.53
CA ASN F 71 -19.90 -14.06 -6.97
C ASN F 71 -21.08 -13.69 -7.87
N ASP F 72 -21.47 -14.61 -8.75
CA ASP F 72 -22.57 -14.39 -9.69
C ASP F 72 -23.87 -13.98 -9.02
N GLU F 73 -23.96 -14.22 -7.72
CA GLU F 73 -25.15 -13.89 -6.96
C GLU F 73 -25.25 -12.44 -6.48
N SER F 74 -24.13 -11.72 -6.49
CA SER F 74 -24.11 -10.33 -6.04
C SER F 74 -24.93 -9.42 -6.95
N THR F 75 -25.34 -8.27 -6.40
CA THR F 75 -26.14 -7.32 -7.16
C THR F 75 -25.35 -6.72 -8.31
N VAL F 76 -24.02 -6.67 -8.17
CA VAL F 76 -23.19 -6.08 -9.21
C VAL F 76 -23.18 -6.99 -10.42
N ALA F 77 -23.07 -8.30 -10.17
CA ALA F 77 -23.08 -9.28 -11.24
C ALA F 77 -24.41 -9.21 -11.98
N LYS F 78 -25.49 -8.99 -11.23
CA LYS F 78 -26.82 -8.90 -11.85
C LYS F 78 -26.90 -7.64 -12.70
N TRP F 79 -26.29 -6.56 -12.22
CA TRP F 79 -26.29 -5.29 -12.95
C TRP F 79 -25.52 -5.53 -14.24
N LEU F 80 -24.34 -6.11 -14.13
CA LEU F 80 -23.50 -6.39 -15.30
C LEU F 80 -24.25 -7.26 -16.32
N ALA F 81 -24.87 -8.33 -15.85
CA ALA F 81 -25.62 -9.23 -16.72
C ALA F 81 -26.75 -8.49 -17.43
N LYS F 82 -27.40 -7.60 -16.70
CA LYS F 82 -28.50 -6.82 -17.27
C LYS F 82 -27.99 -5.97 -18.43
N HIS F 83 -26.74 -5.53 -18.33
CA HIS F 83 -26.13 -4.73 -19.40
C HIS F 83 -25.24 -5.63 -20.24
N ASN F 84 -25.67 -6.88 -20.38
CA ASN F 84 -24.96 -7.88 -21.14
C ASN F 84 -23.43 -7.78 -21.02
N GLY F 85 -22.94 -7.86 -19.79
CA GLY F 85 -21.51 -7.82 -19.53
C GLY F 85 -20.72 -6.54 -19.66
N ARG F 86 -21.34 -5.47 -20.14
CA ARG F 86 -20.61 -4.21 -20.30
C ARG F 86 -20.41 -3.46 -18.99
N ALA F 87 -19.18 -3.04 -18.74
CA ALA F 87 -18.86 -2.28 -17.54
C ALA F 87 -19.31 -0.86 -17.85
N GLY F 88 -19.62 -0.08 -16.81
CA GLY F 88 -20.03 1.29 -17.03
C GLY F 88 -20.38 2.01 -15.74
N LEU F 89 -20.76 3.28 -15.85
CA LEU F 89 -21.12 4.09 -14.70
C LEU F 89 -22.35 3.50 -14.01
N HIS F 90 -22.22 3.22 -12.72
CA HIS F 90 -23.31 2.63 -11.97
C HIS F 90 -24.19 3.67 -11.28
N HIS F 91 -23.58 4.55 -10.50
CA HIS F 91 -24.35 5.59 -9.81
C HIS F 91 -23.46 6.68 -9.27
N MET F 92 -24.07 7.77 -8.81
CA MET F 92 -23.34 8.89 -8.21
C MET F 92 -23.67 8.86 -6.74
N ALA F 93 -22.75 9.32 -5.90
CA ALA F 93 -22.98 9.39 -4.47
C ALA F 93 -22.69 10.83 -4.06
N TRP F 94 -23.61 11.45 -3.34
CA TRP F 94 -23.42 12.84 -2.91
C TRP F 94 -23.18 12.90 -1.41
N ARG F 95 -22.12 13.59 -1.03
CA ARG F 95 -21.77 13.71 0.38
C ARG F 95 -22.61 14.75 1.11
N VAL F 96 -23.11 14.39 2.28
CA VAL F 96 -23.90 15.32 3.09
C VAL F 96 -23.31 15.35 4.50
N ASP F 97 -23.55 16.45 5.20
CA ASP F 97 -23.04 16.60 6.54
C ASP F 97 -23.92 15.88 7.55
N ASP F 98 -25.23 15.88 7.31
CA ASP F 98 -26.19 15.25 8.22
C ASP F 98 -27.20 14.45 7.42
N ILE F 99 -26.96 13.16 7.29
CA ILE F 99 -27.85 12.30 6.51
C ILE F 99 -29.31 12.35 7.00
N ASP F 100 -29.50 12.40 8.31
CA ASP F 100 -30.87 12.46 8.84
C ASP F 100 -31.57 13.76 8.45
N ALA F 101 -30.88 14.89 8.60
CA ALA F 101 -31.45 16.19 8.24
C ALA F 101 -31.87 16.18 6.78
N VAL F 102 -30.87 16.05 5.91
CA VAL F 102 -31.06 16.02 4.46
C VAL F 102 -32.12 15.03 4.02
N SER F 103 -32.16 13.85 4.64
CA SER F 103 -33.17 12.86 4.28
C SER F 103 -34.56 13.42 4.56
N ALA F 104 -34.73 13.99 5.75
CA ALA F 104 -36.02 14.57 6.12
C ALA F 104 -36.40 15.68 5.14
N THR F 105 -35.43 16.56 4.85
CA THR F 105 -35.68 17.66 3.93
C THR F 105 -36.11 17.15 2.55
N LEU F 106 -35.41 16.14 2.05
CA LEU F 106 -35.71 15.57 0.74
C LEU F 106 -37.05 14.88 0.72
N ARG F 107 -37.35 14.12 1.77
CA ARG F 107 -38.61 13.40 1.87
C ARG F 107 -39.75 14.41 1.80
N GLU F 108 -39.57 15.53 2.48
CA GLU F 108 -40.55 16.60 2.53
C GLU F 108 -40.80 17.21 1.14
N ARG F 109 -39.81 17.08 0.26
CA ARG F 109 -39.93 17.61 -1.08
C ARG F 109 -40.40 16.57 -2.08
N GLY F 110 -40.82 15.41 -1.58
CA GLY F 110 -41.31 14.36 -2.46
C GLY F 110 -40.35 13.25 -2.85
N VAL F 111 -39.09 13.36 -2.43
CA VAL F 111 -38.14 12.32 -2.77
C VAL F 111 -38.38 11.05 -1.95
N GLN F 112 -38.32 9.91 -2.62
CA GLN F 112 -38.50 8.62 -1.98
C GLN F 112 -37.12 8.02 -1.81
N LEU F 113 -36.82 7.49 -0.62
CA LEU F 113 -35.52 6.87 -0.35
C LEU F 113 -35.66 5.35 -0.23
N LEU F 114 -34.55 4.63 -0.33
CA LEU F 114 -34.54 3.16 -0.27
C LEU F 114 -34.73 2.57 1.12
N TYR F 115 -33.91 2.99 2.08
CA TYR F 115 -34.02 2.48 3.46
C TYR F 115 -34.78 3.50 4.31
N ASP F 116 -35.64 3.02 5.21
CA ASP F 116 -36.38 3.92 6.08
C ASP F 116 -35.38 4.63 6.96
N GLU F 117 -34.30 3.93 7.27
CA GLU F 117 -33.26 4.46 8.13
C GLU F 117 -31.88 4.34 7.48
N PRO F 118 -30.99 5.30 7.75
CA PRO F 118 -29.63 5.28 7.17
C PRO F 118 -28.96 3.92 7.43
N LYS F 119 -28.11 3.51 6.49
CA LYS F 119 -27.41 2.24 6.59
C LYS F 119 -25.90 2.49 6.69
N LEU F 120 -25.17 1.54 7.27
CA LEU F 120 -23.73 1.68 7.41
C LEU F 120 -23.05 1.27 6.11
N GLY F 121 -22.15 2.12 5.62
CA GLY F 121 -21.46 1.83 4.38
C GLY F 121 -19.98 1.54 4.57
N THR F 122 -19.15 2.07 3.68
CA THR F 122 -17.71 1.85 3.77
C THR F 122 -17.03 2.92 4.59
N GLY F 123 -16.16 2.50 5.50
CA GLY F 123 -15.43 3.43 6.34
C GLY F 123 -16.29 4.00 7.45
N GLY F 124 -17.45 3.39 7.68
CA GLY F 124 -18.33 3.89 8.71
C GLY F 124 -19.28 4.94 8.20
N ASN F 125 -19.32 5.14 6.88
CA ASN F 125 -20.22 6.13 6.30
C ASN F 125 -21.67 5.68 6.49
N ARG F 126 -22.56 6.61 6.78
CA ARG F 126 -23.98 6.30 6.90
C ARG F 126 -24.50 6.65 5.52
N ILE F 127 -25.23 5.73 4.90
CA ILE F 127 -25.73 5.94 3.54
C ILE F 127 -27.19 5.59 3.29
N ASN F 128 -27.67 5.99 2.13
CA ASN F 128 -29.03 5.68 1.71
C ASN F 128 -29.07 5.95 0.20
N PHE F 129 -30.16 5.57 -0.45
CA PHE F 129 -30.30 5.79 -1.88
C PHE F 129 -31.68 6.33 -2.21
N MET F 130 -31.73 7.18 -3.22
CA MET F 130 -32.98 7.73 -3.69
C MET F 130 -33.52 6.71 -4.68
N HIS F 131 -34.83 6.57 -4.74
CA HIS F 131 -35.42 5.65 -5.70
C HIS F 131 -35.07 6.24 -7.06
N PRO F 132 -34.78 5.39 -8.06
CA PRO F 132 -34.43 5.89 -9.39
C PRO F 132 -35.34 7.01 -9.87
N LYS F 133 -36.64 6.89 -9.59
CA LYS F 133 -37.61 7.90 -9.99
C LYS F 133 -37.17 9.22 -9.38
N SER F 134 -36.83 9.20 -8.09
CA SER F 134 -36.39 10.40 -7.41
C SER F 134 -35.11 10.95 -8.03
N GLY F 135 -34.32 10.05 -8.60
CA GLY F 135 -33.07 10.47 -9.23
C GLY F 135 -33.24 10.80 -10.70
N LYS F 136 -34.48 10.71 -11.19
CA LYS F 136 -34.79 11.00 -12.59
C LYS F 136 -33.94 10.11 -13.49
N GLY F 137 -33.96 8.82 -13.20
CA GLY F 137 -33.18 7.87 -13.97
C GLY F 137 -32.03 7.35 -13.13
N VAL F 138 -30.96 8.14 -13.05
CA VAL F 138 -29.77 7.79 -12.29
C VAL F 138 -30.04 7.45 -10.82
N LEU F 139 -29.27 6.49 -10.30
CA LEU F 139 -29.36 6.07 -8.89
C LEU F 139 -28.42 7.00 -8.13
N ILE F 140 -28.98 7.83 -7.25
CA ILE F 140 -28.17 8.76 -6.47
C ILE F 140 -28.11 8.36 -5.00
N GLU F 141 -26.90 8.16 -4.50
CA GLU F 141 -26.70 7.75 -3.11
C GLU F 141 -26.37 8.95 -2.23
N LEU F 142 -26.82 8.91 -0.98
CA LEU F 142 -26.54 9.95 -0.01
C LEU F 142 -25.49 9.35 0.89
N THR F 143 -24.46 10.09 1.24
CA THR F 143 -23.45 9.54 2.13
C THR F 143 -22.83 10.55 3.07
N GLN F 144 -22.89 10.22 4.36
CA GLN F 144 -22.34 11.05 5.41
C GLN F 144 -21.09 10.38 5.94
N TYR F 145 -20.07 11.17 6.24
CA TYR F 145 -18.83 10.60 6.76
C TYR F 145 -19.00 10.22 8.23
N PRO F 146 -18.31 9.15 8.66
CA PRO F 146 -18.40 8.69 10.04
C PRO F 146 -17.79 9.71 10.98
N LYS F 147 -18.61 10.63 11.46
CA LYS F 147 -18.15 11.67 12.37
C LYS F 147 -19.06 11.76 13.59
S SO4 G . 19.99 0.45 5.52
O1 SO4 G . 20.57 0.88 6.82
O2 SO4 G . 19.65 1.63 4.73
O3 SO4 G . 20.97 -0.34 4.78
O4 SO4 G . 18.79 -0.36 5.82
S SO4 H . 26.17 16.62 -5.26
O1 SO4 H . 24.85 16.55 -5.93
O2 SO4 H . 27.20 16.05 -6.15
O3 SO4 H . 26.50 18.02 -4.96
O4 SO4 H . 26.12 15.85 -4.00
S SO4 I . 25.44 -11.36 -10.26
O1 SO4 I . 26.38 -12.34 -10.84
O2 SO4 I . 26.04 -10.72 -9.07
O3 SO4 I . 25.13 -10.32 -11.26
O4 SO4 I . 24.20 -12.06 -9.87
S SO4 J . 16.15 -17.39 -22.53
O1 SO4 J . 17.57 -16.95 -22.60
O2 SO4 J . 15.30 -16.37 -23.19
O3 SO4 J . 15.99 -18.66 -23.25
O4 SO4 J . 15.74 -17.56 -21.12
S SO4 K . -22.98 -13.50 23.10
O1 SO4 K . -23.89 -14.58 22.68
O2 SO4 K . -22.04 -13.99 24.11
O3 SO4 K . -22.22 -13.02 21.93
O4 SO4 K . -23.78 -12.41 23.68
S SO4 L . -9.08 -2.20 13.79
O1 SO4 L . -9.04 -3.03 12.57
O2 SO4 L . -7.77 -2.31 14.47
O3 SO4 L . -9.33 -0.78 13.41
O4 SO4 L . -10.17 -2.64 14.66
S SO4 M . -7.48 -24.91 30.06
O1 SO4 M . -7.45 -23.95 31.17
O2 SO4 M . -7.55 -24.18 28.78
O3 SO4 M . -6.25 -25.73 30.10
O4 SO4 M . -8.66 -25.78 30.20
S SO4 N . -11.58 21.44 -3.38
O1 SO4 N . -12.20 22.12 -2.23
O2 SO4 N . -11.38 20.01 -3.06
O3 SO4 N . -12.50 21.58 -4.53
O4 SO4 N . -10.28 22.05 -3.71
S SO4 O . -17.76 20.12 -22.46
O1 SO4 O . -18.59 20.67 -21.37
O2 SO4 O . -18.07 18.69 -22.64
O3 SO4 O . -18.06 20.83 -23.72
O4 SO4 O . -16.33 20.29 -22.13
S SO4 P . -20.36 3.13 -0.04
O1 SO4 P . -18.97 2.84 -0.41
O2 SO4 P . -21.00 3.89 -1.13
O3 SO4 P . -21.09 1.85 0.16
O4 SO4 P . -20.37 3.92 1.21
#